data_8ZGU
#
_entry.id   8ZGU
#
_cell.length_a   170.380
_cell.length_b   170.380
_cell.length_c   117.114
_cell.angle_alpha   90.000
_cell.angle_beta   90.000
_cell.angle_gamma   90.000
#
_symmetry.space_group_name_H-M   'I 4 2 2'
#
loop_
_entity.id
_entity.type
_entity.pdbx_description
1 polymer 'Envelopment polyprotein'
2 polymer 'AH100 heavy chain'
3 polymer 'AH100 light chain'
#
loop_
_entity_poly.entity_id
_entity_poly.type
_entity_poly.pdbx_seq_one_letter_code
_entity_poly.pdbx_strand_id
1 'polypeptide(L)'
;VYDMKIECPHTVSFGENSVIGYVELPPMPLADTAQMVPESSCSMDNHQSINTITKYTQVIWRGKADPGQSSQNSFETVST
EVDLKGTCVLKHKMVEESYRSRKSITCYDLSCNSTFCKPTLYMIVPIHACNMMKSCLIALGPYRVQVVYERTYCMTGVLI
EGKCFVPDQSVVSIIKHGIFDIASVHVVCFFVAVKGNTYKLFEQVKKSFESTCNDTENKVQGYYICIVGGNSAPIYVPTL
DDFRSMEAFTGIFKSPHGEDHDLAGEEIASYSIVGPANAKVPHSASSDTLSLIAYSGIPSYSSLSILTSSTDAKHVFSPG
LFPKLNHTNCDKSAIPLTWTGMIDLPGYYE
;
A
2 'polypeptide(L)'
;QVQLLESGPGLVKPSQTLSLTCTVSGDSISSGGFYWSWIRQHPGKGLEWIGYISYSGSTYYNPSLKSRVTISVDTSKNQF
SLKLSSVTAADTAVYYCARGDSSGYNPLNWFDPWGQGTLVTVSSASTKGPSVFPLAPSSKSTSGGTAALGCLVKDYFPEP
VTVSWNSGALTSGVHTFPAVLQSSGLYSLSSVVTVPSSSLGTQTYICNVNHKPSNTKVDKKVEPK
;
H
3 'polypeptide(L)'
;SVLTQPPSASGTPGQRVTIYCSGSTSNIGGNTVSWYQQLPSMAPKLLIYSNDQRPSGVPDRFSGSKSGTSASLAISGLQS
EDEADYYCAAWDENLNGVVFGGGTKLTVLGQPKAAPSVTLFPPSSEELQANKATLVCLISDFYPGAVTVAWKADSSPVKA
GVETTTPSKQSNNKYAASSYLSLTPEQWKSHKSYSCQVTHEGSTVEKTVVPTECS
;
L
#
# COMPACT_ATOMS: atom_id res chain seq x y z
N VAL A 1 42.64 -22.32 4.68
CA VAL A 1 42.41 -20.89 4.83
C VAL A 1 42.32 -20.23 3.46
N TYR A 2 41.11 -19.84 3.05
CA TYR A 2 40.87 -19.20 1.78
C TYR A 2 41.01 -17.68 1.92
N ASP A 3 40.78 -16.95 0.83
CA ASP A 3 40.89 -15.50 0.84
C ASP A 3 39.80 -14.86 0.00
N MET A 4 39.21 -13.79 0.52
CA MET A 4 38.24 -12.99 -0.21
C MET A 4 38.71 -11.55 -0.24
N LYS A 5 38.72 -10.95 -1.42
CA LYS A 5 39.33 -9.64 -1.63
C LYS A 5 38.27 -8.54 -1.63
N ILE A 6 38.43 -7.57 -0.74
CA ILE A 6 37.58 -6.39 -0.67
C ILE A 6 38.38 -5.22 -1.23
N GLU A 7 37.95 -4.69 -2.37
CA GLU A 7 38.73 -3.72 -3.13
C GLU A 7 38.44 -2.30 -2.65
N CYS A 8 39.39 -1.69 -1.94
CA CYS A 8 39.24 -0.33 -1.45
C CYS A 8 40.04 0.64 -2.31
N PRO A 9 39.42 1.60 -2.97
CA PRO A 9 40.18 2.70 -3.58
C PRO A 9 40.62 3.69 -2.51
N HIS A 10 41.50 4.61 -2.92
CA HIS A 10 42.05 5.57 -1.96
C HIS A 10 40.98 6.50 -1.40
N THR A 11 40.02 6.91 -2.24
CA THR A 11 39.00 7.87 -1.83
C THR A 11 37.63 7.40 -2.30
N VAL A 12 36.58 8.08 -1.84
CA VAL A 12 35.21 7.67 -2.14
C VAL A 12 34.46 8.77 -2.90
N SER A 13 34.82 10.03 -2.65
CA SER A 13 34.19 11.20 -3.28
C SER A 13 32.69 11.26 -2.98
N PHE A 14 32.39 11.41 -1.69
CA PHE A 14 31.01 11.55 -1.21
C PHE A 14 30.16 10.35 -1.61
N GLY A 15 28.85 10.45 -1.41
CA GLY A 15 27.96 9.36 -1.72
C GLY A 15 28.03 8.26 -0.67
N GLU A 16 26.88 7.65 -0.37
CA GLU A 16 26.80 6.62 0.66
C GLU A 16 27.00 5.27 0.00
N ASN A 17 28.25 4.98 -0.33
CA ASN A 17 28.61 3.78 -1.09
C ASN A 17 28.92 2.63 -0.15
N SER A 18 28.55 1.42 -0.56
CA SER A 18 28.99 0.19 0.08
C SER A 18 29.85 -0.59 -0.91
N VAL A 19 30.89 -1.23 -0.40
CA VAL A 19 31.79 -2.07 -1.19
C VAL A 19 31.33 -3.52 -1.07
N ILE A 20 31.51 -4.29 -2.15
CA ILE A 20 31.17 -5.70 -2.17
C ILE A 20 32.38 -6.50 -2.61
N GLY A 21 32.65 -7.59 -1.91
CA GLY A 21 33.69 -8.51 -2.32
C GLY A 21 33.20 -9.94 -2.25
N TYR A 22 33.36 -10.70 -3.34
CA TYR A 22 32.86 -12.06 -3.33
C TYR A 22 33.86 -12.98 -4.01
N VAL A 23 33.80 -14.25 -3.63
CA VAL A 23 34.67 -15.28 -4.19
C VAL A 23 33.98 -16.62 -4.05
N GLU A 24 34.32 -17.55 -4.93
CA GLU A 24 33.71 -18.88 -4.95
C GLU A 24 34.62 -19.88 -4.24
N LEU A 25 34.09 -21.08 -4.03
CA LEU A 25 34.74 -22.09 -3.22
C LEU A 25 34.77 -23.43 -3.93
N PRO A 26 35.74 -24.28 -3.59
CA PRO A 26 35.64 -25.69 -3.97
C PRO A 26 34.42 -26.32 -3.34
N PRO A 27 33.85 -27.33 -3.99
CA PRO A 27 32.50 -27.77 -3.62
C PRO A 27 32.44 -28.76 -2.45
N MET A 28 31.21 -29.14 -2.11
CA MET A 28 30.92 -30.19 -1.14
C MET A 28 29.76 -31.02 -1.69
N PRO A 29 29.61 -32.26 -1.23
CA PRO A 29 28.54 -33.11 -1.72
C PRO A 29 27.16 -32.50 -1.53
N LEU A 30 26.17 -33.17 -2.13
CA LEU A 30 24.83 -32.60 -2.27
C LEU A 30 24.15 -32.41 -0.92
N ALA A 31 23.94 -33.52 -0.19
CA ALA A 31 23.13 -33.50 1.03
C ALA A 31 23.85 -32.87 2.22
N ASP A 32 24.99 -32.21 2.01
CA ASP A 32 25.72 -31.55 3.09
C ASP A 32 25.19 -30.15 3.39
N THR A 33 24.29 -29.64 2.54
CA THR A 33 23.98 -28.21 2.53
C THR A 33 23.55 -27.70 3.91
N ALA A 34 22.64 -28.42 4.55
CA ALA A 34 22.08 -27.93 5.81
C ALA A 34 23.13 -27.83 6.91
N GLN A 35 24.23 -28.58 6.82
CA GLN A 35 25.25 -28.52 7.86
C GLN A 35 25.93 -27.16 7.91
N MET A 36 26.00 -26.45 6.78
CA MET A 36 26.75 -25.21 6.69
C MET A 36 26.18 -24.13 7.59
N VAL A 37 26.91 -23.77 8.64
CA VAL A 37 26.52 -22.72 9.57
C VAL A 37 27.74 -21.83 9.81
N PRO A 38 27.73 -20.59 9.31
CA PRO A 38 28.94 -19.75 9.39
C PRO A 38 29.10 -19.00 10.71
N GLU A 39 30.36 -18.80 11.08
CA GLU A 39 30.74 -17.89 12.15
C GLU A 39 31.60 -16.78 11.58
N SER A 40 31.60 -15.63 12.24
CA SER A 40 32.33 -14.48 11.74
C SER A 40 32.77 -13.58 12.89
N SER A 41 33.79 -12.77 12.59
CA SER A 41 34.08 -11.58 13.39
C SER A 41 33.67 -10.31 12.67
N CYS A 42 33.28 -10.40 11.40
CA CYS A 42 32.87 -9.24 10.61
C CYS A 42 31.58 -9.54 9.85
N SER A 43 30.63 -10.20 10.49
CA SER A 43 29.25 -10.08 10.02
C SER A 43 28.63 -8.79 10.55
N MET A 44 28.81 -8.53 11.84
CA MET A 44 28.56 -7.24 12.48
C MET A 44 27.09 -6.86 12.50
N ASP A 45 26.23 -7.62 11.83
CA ASP A 45 24.85 -7.24 11.67
C ASP A 45 24.02 -7.74 12.85
N ASN A 46 22.91 -7.04 13.10
CA ASN A 46 22.06 -7.37 14.23
C ASN A 46 21.28 -8.65 13.97
N HIS A 47 21.98 -9.78 13.98
CA HIS A 47 21.39 -11.12 13.86
C HIS A 47 20.60 -11.31 12.56
N GLN A 48 20.88 -10.51 11.54
CA GLN A 48 20.12 -10.58 10.30
C GLN A 48 20.92 -11.07 9.10
N SER A 49 22.22 -10.77 9.04
CA SER A 49 23.00 -11.13 7.86
C SER A 49 23.34 -12.62 7.82
N ILE A 50 24.09 -13.10 8.82
CA ILE A 50 24.48 -14.51 8.83
C ILE A 50 23.28 -15.40 9.12
N ASN A 51 22.45 -15.00 10.08
CA ASN A 51 21.30 -15.80 10.50
C ASN A 51 20.14 -15.58 9.53
N THR A 52 20.32 -16.13 8.32
CA THR A 52 19.31 -16.07 7.26
C THR A 52 18.75 -17.48 7.08
N ILE A 53 17.68 -17.78 7.82
CA ILE A 53 16.98 -19.06 7.72
C ILE A 53 15.69 -18.82 6.95
N THR A 54 15.50 -19.57 5.88
CA THR A 54 14.39 -19.35 4.97
C THR A 54 13.70 -20.65 4.61
N LYS A 55 12.36 -20.57 4.48
CA LYS A 55 11.52 -21.69 4.09
C LYS A 55 11.62 -21.88 2.58
N TYR A 56 12.30 -22.94 2.16
CA TYR A 56 12.52 -23.26 0.76
C TYR A 56 11.72 -24.50 0.37
N THR A 57 11.64 -24.73 -0.94
CA THR A 57 11.08 -25.97 -1.48
C THR A 57 12.22 -26.71 -2.17
N GLN A 58 12.94 -27.52 -1.38
CA GLN A 58 13.99 -28.36 -1.91
C GLN A 58 13.44 -29.29 -2.98
N VAL A 59 14.07 -29.29 -4.15
CA VAL A 59 13.65 -30.15 -5.25
C VAL A 59 14.75 -31.18 -5.51
N ILE A 60 14.66 -32.31 -4.83
CA ILE A 60 15.62 -33.41 -5.01
C ILE A 60 15.24 -34.13 -6.30
N TRP A 61 16.05 -33.99 -7.33
CA TRP A 61 15.79 -34.70 -8.57
C TRP A 61 16.45 -36.08 -8.51
N ARG A 62 15.73 -37.08 -9.02
CA ARG A 62 16.21 -38.46 -8.97
C ARG A 62 16.14 -39.10 -10.36
N GLY A 63 16.37 -40.41 -10.43
CA GLY A 63 16.31 -41.13 -11.69
C GLY A 63 17.62 -41.13 -12.45
N GLU A 76 12.14 -37.06 -12.47
CA GLU A 76 11.79 -37.49 -11.12
C GLU A 76 12.29 -36.49 -10.08
N THR A 77 11.46 -35.48 -9.80
CA THR A 77 11.77 -34.46 -8.82
C THR A 77 10.88 -34.62 -7.59
N VAL A 78 11.43 -34.27 -6.43
CA VAL A 78 10.78 -34.44 -5.14
C VAL A 78 10.80 -33.10 -4.42
N SER A 79 9.63 -32.52 -4.17
CA SER A 79 9.52 -31.26 -3.46
C SER A 79 9.39 -31.52 -1.97
N THR A 80 10.15 -30.77 -1.17
CA THR A 80 10.13 -30.89 0.28
C THR A 80 10.26 -29.51 0.90
N GLU A 81 9.37 -29.17 1.82
CA GLU A 81 9.47 -27.89 2.52
C GLU A 81 10.65 -27.96 3.48
N VAL A 82 11.78 -27.42 3.05
CA VAL A 82 13.03 -27.50 3.78
C VAL A 82 13.35 -26.11 4.34
N ASP A 83 14.37 -26.04 5.19
CA ASP A 83 14.83 -24.79 5.78
C ASP A 83 16.31 -24.62 5.49
N LEU A 84 16.68 -23.48 4.90
CA LEU A 84 18.06 -23.22 4.51
C LEU A 84 18.65 -22.05 5.27
N LYS A 85 19.97 -22.12 5.50
CA LYS A 85 20.72 -21.11 6.23
C LYS A 85 21.83 -20.54 5.35
N GLY A 86 22.07 -19.24 5.49
CA GLY A 86 23.14 -18.57 4.78
C GLY A 86 22.80 -18.05 3.40
N THR A 87 21.56 -18.22 2.94
CA THR A 87 21.18 -17.78 1.61
C THR A 87 21.20 -16.25 1.52
N CYS A 88 21.16 -15.75 0.29
CA CYS A 88 21.17 -14.31 0.03
C CYS A 88 19.76 -13.74 -0.09
N VAL A 89 18.79 -14.34 0.58
CA VAL A 89 17.44 -13.77 0.62
C VAL A 89 17.50 -12.51 1.47
N LEU A 90 17.46 -11.35 0.81
CA LEU A 90 17.62 -10.07 1.47
C LEU A 90 16.27 -9.43 1.75
N LYS A 91 16.26 -8.48 2.68
CA LYS A 91 15.06 -7.84 3.17
C LYS A 91 15.13 -6.33 2.92
N HIS A 92 13.98 -5.69 3.10
CA HIS A 92 13.87 -4.26 2.83
C HIS A 92 14.71 -3.46 3.82
N LYS A 93 15.45 -2.48 3.30
CA LYS A 93 16.28 -1.59 4.11
C LYS A 93 17.39 -2.33 4.86
N MET A 94 17.72 -3.56 4.46
CA MET A 94 18.79 -4.28 5.13
C MET A 94 20.14 -3.59 4.93
N VAL A 95 20.49 -3.31 3.68
CA VAL A 95 21.76 -2.63 3.38
C VAL A 95 21.78 -1.27 4.06
N GLU A 96 20.63 -0.60 4.10
CA GLU A 96 20.56 0.76 4.61
C GLU A 96 20.80 0.81 6.12
N GLU A 97 20.00 0.06 6.89
CA GLU A 97 20.20 0.04 8.34
C GLU A 97 21.51 -0.62 8.73
N SER A 98 22.08 -1.46 7.86
CA SER A 98 23.46 -1.89 8.07
C SER A 98 24.42 -0.72 7.91
N TYR A 99 24.19 0.12 6.90
CA TYR A 99 25.09 1.24 6.64
C TYR A 99 25.07 2.26 7.78
N ARG A 100 23.87 2.59 8.29
CA ARG A 100 23.79 3.65 9.29
C ARG A 100 24.51 3.28 10.59
N SER A 101 24.64 1.99 10.88
CA SER A 101 25.32 1.52 12.08
C SER A 101 26.74 1.05 11.81
N ARG A 102 27.23 1.22 10.58
CA ARG A 102 28.59 0.84 10.19
C ARG A 102 28.85 -0.65 10.41
N LYS A 103 27.79 -1.45 10.27
CA LYS A 103 27.84 -2.91 10.37
C LYS A 103 27.79 -3.50 8.96
N SER A 104 28.05 -4.80 8.87
CA SER A 104 28.22 -5.46 7.57
C SER A 104 27.12 -6.48 7.32
N ILE A 105 27.12 -7.03 6.10
CA ILE A 105 26.21 -8.10 5.68
C ILE A 105 27.06 -9.14 4.95
N THR A 106 26.62 -10.40 4.98
CA THR A 106 27.35 -11.45 4.29
C THR A 106 26.37 -12.58 3.95
N CYS A 107 26.52 -13.14 2.75
CA CYS A 107 25.67 -14.26 2.34
C CYS A 107 26.40 -15.04 1.26
N TYR A 108 25.76 -16.09 0.77
CA TYR A 108 26.34 -16.91 -0.29
C TYR A 108 25.24 -17.58 -1.09
N ASP A 109 25.55 -17.85 -2.36
CA ASP A 109 24.68 -18.54 -3.30
C ASP A 109 25.35 -19.84 -3.70
N LEU A 110 24.58 -20.73 -4.34
CA LEU A 110 25.06 -22.07 -4.63
C LEU A 110 24.76 -22.47 -6.06
N SER A 111 25.69 -23.26 -6.64
CA SER A 111 25.49 -23.93 -7.92
C SER A 111 25.70 -25.42 -7.68
N CYS A 112 24.64 -26.21 -7.82
CA CYS A 112 24.68 -27.61 -7.40
C CYS A 112 24.17 -28.54 -8.49
N ASN A 113 24.94 -29.58 -8.76
CA ASN A 113 24.49 -30.69 -9.59
C ASN A 113 23.87 -31.75 -8.69
N SER A 114 23.67 -32.95 -9.23
CA SER A 114 23.13 -34.04 -8.43
C SER A 114 24.08 -34.48 -7.32
N THR A 115 25.36 -34.09 -7.37
CA THR A 115 26.35 -34.70 -6.49
C THR A 115 27.14 -33.69 -5.68
N PHE A 116 27.32 -32.47 -6.18
CA PHE A 116 28.23 -31.52 -5.55
C PHE A 116 27.58 -30.14 -5.49
N CYS A 117 28.19 -29.24 -4.73
CA CYS A 117 27.65 -27.90 -4.49
C CYS A 117 28.80 -26.89 -4.40
N LYS A 118 28.95 -26.06 -5.43
CA LYS A 118 29.93 -24.98 -5.42
C LYS A 118 29.33 -23.73 -4.79
N PRO A 119 29.94 -23.18 -3.74
CA PRO A 119 29.42 -21.95 -3.13
C PRO A 119 30.04 -20.69 -3.73
N THR A 120 29.37 -19.57 -3.48
CA THR A 120 29.82 -18.25 -3.90
C THR A 120 29.46 -17.27 -2.79
N LEU A 121 30.45 -16.81 -2.04
CA LEU A 121 30.22 -15.98 -0.87
C LEU A 121 30.43 -14.51 -1.23
N TYR A 122 29.40 -13.69 -1.02
CA TYR A 122 29.46 -12.24 -1.07
C TYR A 122 29.55 -11.67 0.34
N MET A 123 30.33 -10.60 0.49
CA MET A 123 30.33 -9.79 1.71
C MET A 123 30.14 -8.32 1.32
N ILE A 124 29.18 -7.67 1.98
CA ILE A 124 28.79 -6.29 1.72
C ILE A 124 29.17 -5.46 2.93
N VAL A 125 30.02 -4.45 2.73
CA VAL A 125 30.50 -3.63 3.83
C VAL A 125 30.33 -2.16 3.50
N PRO A 126 29.83 -1.33 4.41
CA PRO A 126 29.88 0.12 4.19
C PRO A 126 31.32 0.59 4.02
N ILE A 127 31.50 1.60 3.17
CA ILE A 127 32.83 2.11 2.90
C ILE A 127 33.45 2.83 4.09
N HIS A 128 32.67 3.09 5.13
CA HIS A 128 33.19 3.70 6.36
C HIS A 128 34.17 2.78 7.08
N ALA A 129 34.45 1.61 6.51
CA ALA A 129 35.31 0.62 7.13
C ALA A 129 36.35 0.09 6.15
N CYS A 130 36.89 0.98 5.32
CA CYS A 130 38.08 0.62 4.54
C CYS A 130 39.36 0.78 5.35
N ASN A 131 39.28 1.38 6.53
CA ASN A 131 40.43 1.62 7.39
C ASN A 131 40.35 0.86 8.69
N MET A 132 39.19 0.88 9.35
CA MET A 132 38.98 0.06 10.53
C MET A 132 39.15 -1.41 10.19
N MET A 133 38.26 -1.92 9.34
CA MET A 133 38.34 -3.31 8.87
C MET A 133 39.38 -3.39 7.78
N LYS A 134 40.63 -3.64 8.20
CA LYS A 134 41.69 -3.93 7.25
C LYS A 134 41.79 -5.41 6.92
N SER A 135 41.46 -6.27 7.89
CA SER A 135 41.46 -7.71 7.66
C SER A 135 40.42 -8.35 8.58
N CYS A 136 40.09 -9.60 8.28
CA CYS A 136 39.07 -10.29 9.06
C CYS A 136 39.12 -11.78 8.76
N LEU A 137 38.36 -12.55 9.52
CA LEU A 137 38.19 -13.99 9.30
C LEU A 137 36.71 -14.36 9.40
N ILE A 138 36.27 -15.24 8.50
CA ILE A 138 34.91 -15.79 8.50
C ILE A 138 35.00 -17.25 8.12
N ALA A 139 34.35 -18.11 8.90
CA ALA A 139 34.40 -19.55 8.66
C ALA A 139 33.03 -20.05 8.22
N LEU A 140 33.01 -20.83 7.13
CA LEU A 140 31.81 -21.46 6.60
C LEU A 140 32.08 -22.95 6.49
N GLY A 141 31.54 -23.72 7.45
CA GLY A 141 31.61 -25.16 7.44
C GLY A 141 33.02 -25.70 7.31
N PRO A 142 33.32 -26.30 6.16
CA PRO A 142 34.63 -26.90 5.94
C PRO A 142 35.72 -25.92 5.50
N TYR A 143 35.42 -24.63 5.41
CA TYR A 143 36.38 -23.67 4.86
C TYR A 143 36.47 -22.44 5.74
N ARG A 144 37.66 -22.19 6.28
CA ARG A 144 37.99 -20.86 6.78
C ARG A 144 38.25 -19.94 5.60
N VAL A 145 37.96 -18.65 5.77
CA VAL A 145 38.15 -17.66 4.72
C VAL A 145 38.59 -16.35 5.37
N GLN A 146 39.81 -15.91 5.06
CA GLN A 146 40.27 -14.61 5.51
C GLN A 146 39.72 -13.54 4.56
N VAL A 147 38.97 -12.60 5.14
CA VAL A 147 38.50 -11.43 4.40
C VAL A 147 39.64 -10.42 4.40
N VAL A 148 40.31 -10.27 3.26
CA VAL A 148 41.44 -9.36 3.12
C VAL A 148 40.96 -8.14 2.35
N TYR A 149 40.99 -6.98 3.01
CA TYR A 149 40.84 -5.72 2.30
C TYR A 149 42.15 -5.41 1.57
N GLU A 150 42.03 -4.73 0.44
CA GLU A 150 43.18 -4.50 -0.42
C GLU A 150 43.03 -3.14 -1.07
N ARG A 151 43.98 -2.25 -0.80
CA ARG A 151 43.96 -0.91 -1.36
C ARG A 151 44.46 -0.93 -2.79
N THR A 152 43.68 -0.32 -3.68
CA THR A 152 44.17 0.06 -4.99
C THR A 152 44.67 1.50 -4.93
N TYR A 153 45.45 1.88 -5.94
CA TYR A 153 45.97 3.25 -6.03
C TYR A 153 44.99 4.18 -6.72
N CYS A 154 43.82 3.69 -7.10
CA CYS A 154 42.78 4.53 -7.70
C CYS A 154 42.28 5.55 -6.68
N MET A 155 41.79 6.68 -7.18
CA MET A 155 41.21 7.69 -6.29
C MET A 155 39.80 7.27 -5.89
N THR A 156 38.88 7.25 -6.86
CA THR A 156 37.59 6.59 -6.69
C THR A 156 37.31 5.58 -7.78
N GLY A 157 38.16 5.51 -8.81
CA GLY A 157 37.90 4.61 -9.91
C GLY A 157 37.88 3.16 -9.45
N VAL A 158 36.90 2.42 -9.96
CA VAL A 158 36.95 0.97 -9.84
C VAL A 158 38.04 0.43 -10.76
N LEU A 159 38.76 -0.58 -10.29
CA LEU A 159 39.88 -1.15 -11.02
C LEU A 159 39.34 -2.18 -12.01
N ILE A 160 39.39 -1.85 -13.31
CA ILE A 160 38.88 -2.73 -14.35
C ILE A 160 40.03 -3.02 -15.30
N GLU A 161 40.68 -4.16 -15.09
CA GLU A 161 41.71 -4.69 -15.99
C GLU A 161 42.80 -3.66 -16.28
N GLY A 162 43.31 -3.05 -15.20
CA GLY A 162 44.47 -2.21 -15.27
C GLY A 162 44.23 -0.72 -15.29
N LYS A 163 42.98 -0.27 -15.19
CA LYS A 163 42.68 1.16 -15.23
C LYS A 163 41.60 1.51 -14.23
N CYS A 164 41.63 2.77 -13.79
CA CYS A 164 40.72 3.28 -12.76
C CYS A 164 39.59 4.04 -13.45
N PHE A 165 38.37 3.53 -13.34
CA PHE A 165 37.24 4.07 -14.08
C PHE A 165 36.31 4.81 -13.13
N VAL A 166 35.83 5.98 -13.56
CA VAL A 166 35.08 6.90 -12.70
C VAL A 166 33.81 7.44 -13.37
N PRO A 167 32.63 6.86 -13.12
CA PRO A 167 31.38 7.57 -13.44
C PRO A 167 31.16 8.73 -12.48
N ASP A 168 30.50 9.79 -12.94
CA ASP A 168 29.73 9.93 -14.19
C ASP A 168 29.79 11.43 -14.58
N GLN A 169 28.78 11.92 -15.32
CA GLN A 169 28.55 13.35 -15.57
C GLN A 169 29.52 13.96 -16.58
N SER A 170 29.65 13.31 -17.74
CA SER A 170 30.28 13.99 -18.88
C SER A 170 29.41 13.83 -20.13
N ILE A 179 33.39 14.98 -26.01
CA ILE A 179 33.17 13.54 -26.17
C ILE A 179 32.77 12.91 -24.86
N PHE A 180 32.21 11.71 -24.95
CA PHE A 180 31.86 10.88 -23.81
C PHE A 180 32.77 9.66 -23.77
N ASP A 181 33.09 9.20 -22.57
CA ASP A 181 33.87 7.99 -22.38
C ASP A 181 33.04 7.00 -21.56
N ILE A 182 32.97 5.76 -22.03
CA ILE A 182 32.00 4.79 -21.52
C ILE A 182 32.61 3.39 -21.59
N ALA A 183 32.37 2.61 -20.53
CA ALA A 183 32.90 1.25 -20.41
C ALA A 183 31.82 0.35 -19.84
N SER A 184 32.18 -0.91 -19.58
CA SER A 184 31.26 -1.91 -19.03
C SER A 184 31.79 -2.38 -17.69
N VAL A 185 30.93 -2.41 -16.68
CA VAL A 185 31.33 -2.61 -15.29
C VAL A 185 30.52 -3.73 -14.66
N HIS A 186 31.13 -4.37 -13.66
CA HIS A 186 30.55 -5.45 -12.88
C HIS A 186 29.49 -4.92 -11.91
N VAL A 187 28.46 -5.73 -11.69
CA VAL A 187 27.35 -5.36 -10.83
C VAL A 187 26.75 -6.62 -10.22
N VAL A 188 26.55 -6.61 -8.90
CA VAL A 188 25.97 -7.72 -8.17
C VAL A 188 24.57 -7.32 -7.70
N CYS A 189 23.60 -8.18 -7.96
CA CYS A 189 22.20 -7.90 -7.65
C CYS A 189 21.64 -8.99 -6.75
N PHE A 190 20.84 -8.59 -5.76
CA PHE A 190 20.11 -9.50 -4.90
C PHE A 190 18.64 -9.10 -4.87
N PHE A 191 17.76 -10.09 -4.91
CA PHE A 191 16.33 -9.84 -4.89
C PHE A 191 15.87 -9.56 -3.47
N VAL A 192 15.11 -8.49 -3.29
CA VAL A 192 14.48 -8.13 -2.03
C VAL A 192 12.98 -8.37 -2.18
N ALA A 193 12.42 -9.18 -1.27
CA ALA A 193 11.03 -9.65 -1.35
C ALA A 193 10.15 -8.78 -0.47
N VAL A 194 9.52 -7.77 -1.06
CA VAL A 194 8.64 -6.84 -0.34
C VAL A 194 7.29 -6.82 -1.03
N LYS A 195 6.22 -6.76 -0.24
CA LYS A 195 4.85 -6.85 -0.73
C LYS A 195 4.18 -5.47 -0.67
N GLY A 196 3.58 -5.06 -1.79
CA GLY A 196 2.91 -3.77 -1.88
C GLY A 196 2.57 -3.38 -3.32
N ASN A 197 1.58 -2.51 -3.49
CA ASN A 197 1.17 -2.11 -4.84
C ASN A 197 2.32 -1.48 -5.62
N THR A 198 3.28 -0.90 -4.92
CA THR A 198 4.40 -0.22 -5.54
C THR A 198 5.57 -1.15 -5.88
N TYR A 199 5.40 -2.46 -5.73
CA TYR A 199 6.48 -3.41 -5.97
C TYR A 199 6.17 -4.43 -7.05
N LYS A 200 5.09 -4.25 -7.80
CA LYS A 200 4.63 -5.23 -8.78
C LYS A 200 5.62 -5.23 -9.94
N LEU A 201 6.76 -5.90 -9.70
CA LEU A 201 7.85 -5.90 -10.66
C LEU A 201 7.46 -6.55 -11.98
N PHE A 202 6.62 -7.59 -11.94
CA PHE A 202 6.24 -8.25 -13.17
C PHE A 202 5.44 -7.35 -14.09
N GLU A 203 4.77 -6.34 -13.54
CA GLU A 203 4.11 -5.35 -14.39
C GLU A 203 5.13 -4.58 -15.22
N GLN A 204 6.27 -4.22 -14.62
CA GLN A 204 7.33 -3.60 -15.42
C GLN A 204 7.93 -4.58 -16.40
N VAL A 205 8.05 -5.85 -16.02
CA VAL A 205 8.53 -6.87 -16.96
C VAL A 205 7.66 -6.88 -18.22
N LYS A 206 6.34 -6.90 -18.03
CA LYS A 206 5.42 -6.89 -19.16
C LYS A 206 5.51 -5.57 -19.94
N LYS A 207 5.54 -4.43 -19.24
CA LYS A 207 5.55 -3.15 -19.94
C LYS A 207 6.85 -2.88 -20.68
N SER A 208 7.92 -3.63 -20.38
CA SER A 208 9.20 -3.38 -21.06
C SER A 208 9.72 -4.58 -21.83
N PHE A 209 8.96 -5.67 -21.96
CA PHE A 209 9.41 -6.77 -22.81
C PHE A 209 8.35 -7.34 -23.75
N GLU A 210 7.09 -6.93 -23.63
CA GLU A 210 6.03 -7.36 -24.56
C GLU A 210 5.90 -8.88 -24.59
N SER A 211 6.06 -9.51 -23.44
CA SER A 211 5.64 -10.89 -23.26
C SER A 211 4.13 -10.92 -22.96
N THR A 212 3.52 -12.09 -23.18
CA THR A 212 2.07 -12.23 -23.18
C THR A 212 1.60 -12.67 -21.80
N CYS A 213 1.59 -11.72 -20.86
CA CYS A 213 1.37 -12.02 -19.45
C CYS A 213 0.20 -11.22 -18.89
N ASN A 214 -0.05 -11.45 -17.61
CA ASN A 214 -1.12 -10.77 -16.85
C ASN A 214 -0.73 -10.80 -15.37
N ASP A 215 -1.67 -10.42 -14.50
CA ASP A 215 -1.37 -10.10 -13.12
C ASP A 215 -1.72 -11.21 -12.12
N THR A 216 -2.36 -12.30 -12.55
CA THR A 216 -2.69 -13.38 -11.64
C THR A 216 -1.73 -14.56 -11.75
N GLU A 217 -1.36 -14.96 -12.97
CA GLU A 217 -0.34 -15.99 -13.14
C GLU A 217 1.03 -15.53 -12.65
N ASN A 218 1.23 -14.22 -12.50
CA ASN A 218 2.51 -13.67 -12.05
C ASN A 218 2.18 -12.64 -10.97
N LYS A 219 2.31 -13.04 -9.71
CA LYS A 219 1.91 -12.20 -8.60
C LYS A 219 3.03 -11.82 -7.64
N VAL A 220 4.22 -12.41 -7.74
CA VAL A 220 5.26 -12.12 -6.77
C VAL A 220 5.64 -10.64 -6.85
N GLN A 221 5.76 -10.01 -5.69
CA GLN A 221 6.10 -8.60 -5.61
C GLN A 221 7.43 -8.45 -4.87
N GLY A 222 8.25 -7.53 -5.35
CA GLY A 222 9.58 -7.34 -4.84
C GLY A 222 10.39 -6.53 -5.84
N TYR A 223 11.69 -6.47 -5.60
CA TYR A 223 12.59 -5.74 -6.48
C TYR A 223 13.98 -6.32 -6.37
N TYR A 224 14.95 -5.66 -7.00
CA TYR A 224 16.36 -6.02 -6.90
C TYR A 224 17.15 -4.84 -6.37
N ILE A 225 18.24 -5.15 -5.66
CA ILE A 225 19.18 -4.14 -5.19
C ILE A 225 20.56 -4.55 -5.66
N CYS A 226 21.30 -3.62 -6.24
CA CYS A 226 22.56 -3.95 -6.90
C CYS A 226 23.65 -2.96 -6.50
N ILE A 227 24.89 -3.44 -6.57
CA ILE A 227 26.07 -2.63 -6.35
C ILE A 227 27.01 -2.80 -7.54
N VAL A 228 27.55 -1.69 -8.02
CA VAL A 228 28.31 -1.66 -9.27
C VAL A 228 29.77 -1.41 -8.95
N GLY A 229 30.65 -2.17 -9.63
CA GLY A 229 32.07 -1.99 -9.52
C GLY A 229 32.68 -2.31 -8.17
N GLY A 230 31.95 -3.01 -7.30
CA GLY A 230 32.45 -3.26 -5.97
C GLY A 230 32.58 -2.03 -5.10
N ASN A 231 32.09 -0.88 -5.57
CA ASN A 231 32.08 0.34 -4.77
C ASN A 231 31.04 1.27 -5.40
N SER A 232 29.86 1.33 -4.79
CA SER A 232 28.77 2.14 -5.33
C SER A 232 27.65 2.19 -4.32
N ALA A 233 26.88 3.28 -4.37
CA ALA A 233 25.63 3.34 -3.65
C ALA A 233 24.62 2.40 -4.31
N PRO A 234 23.74 1.77 -3.53
CA PRO A 234 22.87 0.74 -4.09
C PRO A 234 21.90 1.28 -5.14
N ILE A 235 21.60 0.43 -6.11
CA ILE A 235 20.77 0.75 -7.26
C ILE A 235 19.55 -0.17 -7.21
N TYR A 236 18.37 0.44 -7.11
CA TYR A 236 17.12 -0.30 -7.03
C TYR A 236 16.60 -0.56 -8.44
N VAL A 237 16.09 -1.78 -8.65
CA VAL A 237 15.65 -2.22 -9.96
C VAL A 237 14.25 -2.83 -9.81
N PRO A 238 13.23 -2.35 -10.54
CA PRO A 238 13.33 -1.28 -11.53
C PRO A 238 12.85 0.09 -11.05
N THR A 239 13.49 1.14 -11.56
CA THR A 239 12.99 2.50 -11.45
C THR A 239 13.14 3.16 -12.82
N LEU A 240 12.05 3.74 -13.32
CA LEU A 240 12.01 4.15 -14.72
C LEU A 240 13.02 5.24 -15.02
N ASP A 241 13.16 6.24 -14.14
CA ASP A 241 13.96 7.41 -14.43
C ASP A 241 15.43 7.25 -14.02
N ASP A 242 15.85 6.06 -13.63
CA ASP A 242 17.26 5.79 -13.35
C ASP A 242 17.88 5.11 -14.56
N PHE A 243 18.90 5.75 -15.13
CA PHE A 243 19.65 5.15 -16.23
C PHE A 243 20.28 3.82 -15.82
N ARG A 244 20.93 3.80 -14.66
CA ARG A 244 21.65 2.61 -14.23
C ARG A 244 20.69 1.49 -13.82
N SER A 245 19.56 1.85 -13.21
CA SER A 245 18.57 0.85 -12.84
C SER A 245 18.01 0.13 -14.06
N MET A 246 17.66 0.88 -15.10
CA MET A 246 17.14 0.27 -16.33
C MET A 246 18.22 -0.53 -17.04
N GLU A 247 19.47 -0.06 -17.01
CA GLU A 247 20.58 -0.88 -17.50
C GLU A 247 20.61 -2.23 -16.79
N ALA A 248 20.51 -2.20 -15.46
CA ALA A 248 20.54 -3.43 -14.69
C ALA A 248 19.34 -4.32 -15.00
N PHE A 249 18.17 -3.72 -15.22
CA PHE A 249 16.98 -4.49 -15.57
C PHE A 249 17.19 -5.21 -16.90
N THR A 250 17.68 -4.49 -17.91
CA THR A 250 17.98 -5.11 -19.20
C THR A 250 18.97 -6.26 -19.04
N GLY A 251 20.04 -6.04 -18.29
CA GLY A 251 21.03 -7.10 -18.10
C GLY A 251 20.47 -8.30 -17.36
N ILE A 252 19.72 -8.05 -16.28
CA ILE A 252 19.21 -9.14 -15.45
C ILE A 252 18.26 -10.01 -16.26
N PHE A 253 17.33 -9.39 -16.97
CA PHE A 253 16.29 -10.18 -17.63
C PHE A 253 16.65 -10.62 -19.04
N LYS A 254 17.76 -10.14 -19.60
CA LYS A 254 18.25 -10.72 -20.84
C LYS A 254 19.17 -11.92 -20.60
N SER A 255 19.51 -12.20 -19.34
CA SER A 255 20.32 -13.36 -18.98
C SER A 255 20.06 -13.75 -17.52
N PRO A 256 18.85 -14.17 -17.17
CA PRO A 256 18.56 -14.51 -15.76
C PRO A 256 19.38 -15.68 -15.23
N HIS A 257 19.90 -16.52 -16.11
CA HIS A 257 20.78 -17.62 -15.70
C HIS A 257 22.14 -17.14 -15.20
N GLY A 258 22.36 -15.82 -15.06
CA GLY A 258 23.65 -15.31 -14.63
C GLY A 258 24.56 -15.06 -15.82
N GLU A 259 25.10 -13.84 -15.93
CA GLU A 259 25.95 -13.46 -17.05
C GLU A 259 27.37 -13.98 -16.90
N ASP A 260 27.62 -14.93 -16.01
CA ASP A 260 28.91 -15.58 -15.85
C ASP A 260 28.66 -17.07 -15.74
N HIS A 261 28.60 -17.75 -16.89
CA HIS A 261 28.50 -19.21 -16.87
C HIS A 261 29.69 -19.82 -16.16
N ASP A 262 30.89 -19.42 -16.56
CA ASP A 262 32.11 -20.05 -16.07
C ASP A 262 32.33 -19.71 -14.60
N LEU A 263 32.14 -20.71 -13.74
CA LEU A 263 32.56 -20.62 -12.35
C LEU A 263 34.06 -20.90 -12.28
N ALA A 264 34.57 -21.18 -11.09
CA ALA A 264 36.02 -21.31 -10.89
C ALA A 264 36.48 -22.61 -11.56
N GLY A 265 36.76 -22.50 -12.85
CA GLY A 265 37.35 -23.57 -13.62
C GLY A 265 36.36 -24.45 -14.36
N GLU A 266 35.46 -23.84 -15.14
CA GLU A 266 34.42 -24.58 -15.86
C GLU A 266 34.24 -24.04 -17.27
N GLU A 267 35.35 -23.77 -17.97
CA GLU A 267 35.25 -23.30 -19.36
C GLU A 267 34.84 -24.42 -20.32
N ILE A 268 35.36 -25.62 -20.13
CA ILE A 268 34.95 -26.75 -20.96
C ILE A 268 33.56 -27.16 -20.51
N ALA A 269 32.55 -26.71 -21.25
CA ALA A 269 31.16 -26.86 -20.83
C ALA A 269 30.70 -28.29 -21.04
N SER A 270 30.50 -29.02 -19.95
CA SER A 270 29.89 -30.34 -19.98
C SER A 270 28.55 -30.22 -19.27
N TYR A 271 27.55 -29.78 -20.01
CA TYR A 271 26.18 -29.67 -19.50
C TYR A 271 25.39 -30.88 -20.00
N SER A 272 25.26 -31.88 -19.14
CA SER A 272 24.36 -32.98 -19.46
C SER A 272 22.92 -32.49 -19.30
N ILE A 273 22.37 -31.86 -20.35
CA ILE A 273 21.03 -31.29 -20.25
C ILE A 273 20.05 -32.45 -20.21
N VAL A 274 19.63 -32.85 -19.01
CA VAL A 274 18.75 -34.00 -18.87
C VAL A 274 17.37 -33.66 -19.41
N GLY A 275 16.87 -32.46 -19.13
CA GLY A 275 15.66 -31.99 -19.75
C GLY A 275 14.58 -31.56 -18.77
N PRO A 276 13.43 -31.16 -19.30
CA PRO A 276 12.39 -30.56 -18.45
C PRO A 276 11.85 -31.53 -17.42
N ALA A 277 11.45 -30.96 -16.28
CA ALA A 277 10.90 -31.71 -15.15
C ALA A 277 10.02 -30.78 -14.34
N ASN A 278 8.88 -31.30 -13.91
CA ASN A 278 7.93 -30.51 -13.13
C ASN A 278 8.14 -30.73 -11.64
N ALA A 279 7.70 -29.77 -10.84
CA ALA A 279 7.86 -29.88 -9.40
C ALA A 279 6.84 -28.99 -8.70
N LYS A 280 6.56 -29.33 -7.45
CA LYS A 280 5.67 -28.57 -6.58
C LYS A 280 6.47 -27.55 -5.79
N VAL A 281 5.88 -26.36 -5.61
CA VAL A 281 6.42 -25.36 -4.68
C VAL A 281 5.25 -24.70 -3.96
N PRO A 282 5.06 -24.94 -2.66
CA PRO A 282 5.86 -25.87 -1.87
C PRO A 282 5.46 -27.33 -2.10
N HIS A 283 5.98 -28.23 -1.25
CA HIS A 283 5.69 -29.66 -1.41
C HIS A 283 4.20 -29.96 -1.26
N SER A 284 3.50 -29.18 -0.44
CA SER A 284 2.08 -29.43 -0.18
C SER A 284 1.19 -29.02 -1.35
N ALA A 285 1.77 -28.58 -2.46
CA ALA A 285 0.98 -28.05 -3.56
C ALA A 285 0.07 -29.12 -4.15
N SER A 286 -1.05 -28.66 -4.71
CA SER A 286 -2.01 -29.56 -5.33
C SER A 286 -1.55 -30.07 -6.70
N SER A 287 -0.64 -29.36 -7.35
CA SER A 287 -0.15 -29.76 -8.66
C SER A 287 1.28 -29.24 -8.82
N ASP A 288 1.78 -29.23 -10.05
CA ASP A 288 3.15 -28.83 -10.34
C ASP A 288 3.19 -27.31 -10.56
N THR A 289 3.91 -26.61 -9.69
CA THR A 289 3.97 -25.15 -9.72
C THR A 289 5.21 -24.60 -10.42
N LEU A 290 6.24 -25.43 -10.61
CA LEU A 290 7.49 -24.94 -11.19
C LEU A 290 8.03 -25.93 -12.22
N SER A 291 8.40 -25.41 -13.38
CA SER A 291 9.08 -26.17 -14.41
C SER A 291 10.59 -25.94 -14.31
N LEU A 292 11.36 -26.98 -14.64
CA LEU A 292 12.81 -26.94 -14.50
C LEU A 292 13.43 -27.69 -15.67
N ILE A 293 14.75 -27.56 -15.81
CA ILE A 293 15.52 -28.29 -16.82
C ILE A 293 16.63 -29.00 -16.05
N ALA A 294 16.39 -30.25 -15.66
CA ALA A 294 17.39 -31.00 -14.92
C ALA A 294 18.64 -31.19 -15.76
N TYR A 295 19.79 -31.16 -15.08
CA TYR A 295 21.09 -31.37 -15.69
C TYR A 295 22.00 -32.06 -14.68
N SER A 296 23.21 -32.39 -15.13
CA SER A 296 24.25 -32.92 -14.26
C SER A 296 25.60 -32.54 -14.86
N GLY A 297 26.65 -33.17 -14.37
CA GLY A 297 28.00 -32.88 -14.85
C GLY A 297 28.71 -31.85 -13.96
N ILE A 298 28.83 -30.64 -14.46
CA ILE A 298 29.53 -29.55 -13.77
C ILE A 298 28.51 -28.52 -13.33
N PRO A 299 28.45 -28.16 -12.04
CA PRO A 299 27.51 -27.12 -11.59
C PRO A 299 28.07 -25.73 -11.82
N SER A 300 27.43 -24.99 -12.73
CA SER A 300 27.84 -23.63 -13.06
C SER A 300 26.74 -22.61 -12.85
N TYR A 301 25.51 -22.92 -13.25
CA TYR A 301 24.39 -22.01 -13.03
C TYR A 301 23.91 -22.11 -11.59
N SER A 302 23.47 -20.97 -11.05
CA SER A 302 23.04 -20.91 -9.66
C SER A 302 21.80 -21.77 -9.44
N SER A 303 21.60 -22.18 -8.19
CA SER A 303 20.55 -23.13 -7.84
C SER A 303 19.54 -22.54 -6.86
N LEU A 304 19.47 -21.23 -6.72
CA LEU A 304 18.52 -20.59 -5.83
C LEU A 304 17.69 -19.58 -6.62
N SER A 305 16.37 -19.63 -6.43
CA SER A 305 15.48 -18.71 -7.15
C SER A 305 14.21 -18.52 -6.33
N ILE A 306 13.22 -17.86 -6.93
CA ILE A 306 11.94 -17.58 -6.28
C ILE A 306 10.81 -17.93 -7.25
N LEU A 307 9.77 -18.58 -6.73
CA LEU A 307 8.59 -18.87 -7.52
C LEU A 307 7.82 -17.59 -7.81
N THR A 308 7.24 -17.52 -9.02
CA THR A 308 6.72 -16.27 -9.57
C THR A 308 5.26 -16.03 -9.21
N SER A 309 4.40 -17.02 -9.44
CA SER A 309 2.96 -16.81 -9.26
C SER A 309 2.57 -16.60 -7.81
N SER A 310 3.42 -16.97 -6.85
CA SER A 310 3.09 -16.83 -5.44
C SER A 310 3.29 -15.39 -5.00
N THR A 311 2.27 -14.84 -4.35
CA THR A 311 2.39 -13.49 -3.79
C THR A 311 3.53 -13.43 -2.78
N ASP A 312 3.49 -14.33 -1.78
CA ASP A 312 4.64 -14.52 -0.92
C ASP A 312 5.80 -15.06 -1.74
N ALA A 313 7.01 -14.58 -1.45
CA ALA A 313 8.19 -15.04 -2.16
C ALA A 313 8.55 -16.41 -1.64
N LYS A 314 8.04 -17.45 -2.31
CA LYS A 314 8.27 -18.83 -1.88
C LYS A 314 9.53 -19.32 -2.58
N HIS A 315 10.64 -19.28 -1.87
CA HIS A 315 11.96 -19.52 -2.45
C HIS A 315 12.14 -20.98 -2.81
N VAL A 316 12.97 -21.22 -3.83
CA VAL A 316 13.15 -22.55 -4.41
C VAL A 316 14.63 -22.86 -4.51
N PHE A 317 15.01 -24.06 -4.07
CA PHE A 317 16.35 -24.61 -4.27
C PHE A 317 16.27 -25.83 -5.18
N SER A 318 17.07 -25.83 -6.24
CA SER A 318 17.02 -26.88 -7.26
C SER A 318 18.43 -27.37 -7.57
N PRO A 319 18.86 -28.48 -6.96
CA PRO A 319 20.15 -29.06 -7.32
C PRO A 319 20.06 -29.87 -8.61
N GLY A 320 21.06 -29.72 -9.46
CA GLY A 320 21.05 -30.39 -10.75
C GLY A 320 19.91 -29.96 -11.64
N LEU A 321 19.56 -28.67 -11.61
CA LEU A 321 18.40 -28.17 -12.34
C LEU A 321 18.62 -26.70 -12.68
N PHE A 322 18.30 -26.34 -13.93
CA PHE A 322 18.16 -24.95 -14.36
C PHE A 322 16.68 -24.62 -14.37
N PRO A 323 16.15 -23.89 -13.39
CA PRO A 323 14.71 -23.60 -13.39
C PRO A 323 14.33 -22.73 -14.57
N LYS A 324 13.07 -22.88 -15.00
CA LYS A 324 12.58 -22.13 -16.15
C LYS A 324 12.56 -20.64 -15.83
N LEU A 325 13.34 -19.86 -16.57
CA LEU A 325 13.40 -18.43 -16.40
C LEU A 325 12.91 -17.65 -17.61
N ASN A 326 12.99 -18.22 -18.81
CA ASN A 326 12.50 -17.57 -20.02
C ASN A 326 11.01 -17.31 -19.89
N HIS A 327 10.63 -16.04 -19.76
CA HIS A 327 9.24 -15.65 -19.54
C HIS A 327 8.48 -15.43 -20.84
N THR A 328 8.87 -16.13 -21.91
CA THR A 328 8.05 -16.12 -23.12
C THR A 328 6.63 -16.57 -22.81
N ASN A 329 6.48 -17.59 -21.97
CA ASN A 329 5.21 -17.97 -21.38
C ASN A 329 5.23 -17.61 -19.90
N CYS A 330 4.12 -17.07 -19.41
CA CYS A 330 4.09 -16.36 -18.14
C CYS A 330 3.44 -17.17 -17.03
N ASP A 331 3.70 -18.47 -16.97
CA ASP A 331 3.25 -19.30 -15.86
C ASP A 331 4.29 -20.37 -15.57
N LYS A 332 4.29 -20.84 -14.34
CA LYS A 332 5.21 -21.89 -13.88
C LYS A 332 6.66 -21.50 -14.19
N SER A 333 7.06 -20.36 -13.67
CA SER A 333 8.39 -19.82 -13.89
C SER A 333 9.00 -19.37 -12.57
N ALA A 334 10.28 -19.03 -12.62
CA ALA A 334 11.02 -18.59 -11.43
C ALA A 334 11.93 -17.41 -11.81
N ILE A 335 12.36 -16.68 -10.79
CA ILE A 335 13.26 -15.54 -11.00
C ILE A 335 14.50 -15.71 -10.12
N PRO A 336 15.67 -15.27 -10.58
CA PRO A 336 16.90 -15.54 -9.82
C PRO A 336 16.94 -14.75 -8.52
N LEU A 337 17.66 -15.30 -7.54
CA LEU A 337 17.85 -14.64 -6.26
C LEU A 337 19.03 -13.66 -6.31
N THR A 338 20.22 -14.15 -6.60
CA THR A 338 21.39 -13.31 -6.85
C THR A 338 21.71 -13.31 -8.34
N TRP A 339 22.53 -12.34 -8.75
CA TRP A 339 22.90 -12.22 -10.15
C TRP A 339 24.14 -11.36 -10.33
N THR A 340 25.20 -11.91 -10.93
CA THR A 340 26.43 -11.17 -11.19
C THR A 340 26.52 -10.90 -12.68
N GLY A 341 26.61 -9.62 -13.05
CA GLY A 341 26.60 -9.25 -14.45
C GLY A 341 27.39 -8.00 -14.79
N MET A 342 27.26 -7.52 -16.02
CA MET A 342 27.99 -6.35 -16.48
C MET A 342 27.04 -5.44 -17.26
N ILE A 343 27.15 -4.12 -17.02
CA ILE A 343 26.36 -3.14 -17.75
C ILE A 343 27.21 -1.90 -18.05
N ASP A 344 26.65 -1.00 -18.87
CA ASP A 344 27.39 0.10 -19.47
C ASP A 344 27.25 1.38 -18.66
N LEU A 345 28.37 2.08 -18.45
CA LEU A 345 28.46 3.27 -17.62
C LEU A 345 29.45 4.29 -18.20
N PRO A 346 29.19 5.60 -18.01
CA PRO A 346 30.10 6.64 -18.56
C PRO A 346 31.13 7.10 -17.53
N GLY A 347 32.40 7.19 -17.90
CA GLY A 347 33.46 7.49 -16.95
C GLY A 347 34.67 8.21 -17.56
N TYR A 348 35.83 8.04 -16.91
CA TYR A 348 37.05 8.78 -17.22
C TYR A 348 38.24 8.03 -16.60
N TYR A 349 39.45 8.40 -17.02
CA TYR A 349 40.68 7.72 -16.60
C TYR A 349 41.76 8.76 -16.24
N GLU A 350 43.00 8.28 -16.10
CA GLU A 350 44.16 9.11 -15.77
C GLU A 350 44.00 9.88 -14.47
N GLN B 1 -2.75 -10.45 0.30
CA GLN B 1 -2.55 -9.01 0.20
C GLN B 1 -2.30 -8.39 1.58
N VAL B 2 -1.45 -7.37 1.61
CA VAL B 2 -1.11 -6.67 2.85
C VAL B 2 -2.20 -5.66 3.18
N GLN B 3 -2.67 -5.68 4.42
CA GLN B 3 -3.72 -4.78 4.88
C GLN B 3 -3.39 -4.27 6.26
N LEU B 4 -3.68 -2.99 6.51
CA LEU B 4 -3.58 -2.39 7.82
C LEU B 4 -4.97 -2.14 8.36
N LEU B 5 -5.17 -2.34 9.66
CA LEU B 5 -6.49 -2.17 10.25
C LEU B 5 -6.38 -1.50 11.60
N GLU B 6 -7.13 -0.41 11.78
CA GLU B 6 -7.11 0.35 13.02
C GLU B 6 -8.21 -0.11 13.96
N SER B 7 -8.01 0.15 15.26
CA SER B 7 -8.99 -0.22 16.27
C SER B 7 -8.84 0.69 17.49
N GLY B 8 -9.97 1.02 18.11
CA GLY B 8 -9.95 1.83 19.30
C GLY B 8 -11.32 2.38 19.66
N PRO B 9 -11.40 3.12 20.77
CA PRO B 9 -12.69 3.70 21.18
C PRO B 9 -13.08 4.84 20.26
N GLY B 10 -14.36 4.86 19.87
CA GLY B 10 -14.84 5.93 19.02
C GLY B 10 -14.96 7.27 19.74
N LEU B 11 -15.15 7.23 21.06
CA LEU B 11 -15.30 8.43 21.87
C LEU B 11 -14.27 8.43 22.97
N VAL B 12 -13.59 9.57 23.15
CA VAL B 12 -12.69 9.79 24.28
C VAL B 12 -12.97 11.18 24.84
N LYS B 13 -13.19 11.26 26.14
CA LYS B 13 -13.58 12.49 26.81
C LYS B 13 -12.38 13.43 26.98
N PRO B 14 -12.64 14.73 27.21
CA PRO B 14 -11.53 15.69 27.26
C PRO B 14 -10.56 15.42 28.41
N SER B 15 -9.31 15.83 28.20
CA SER B 15 -8.23 15.73 29.20
C SER B 15 -7.93 14.28 29.57
N GLN B 16 -8.22 13.35 28.68
CA GLN B 16 -7.90 11.94 28.85
C GLN B 16 -6.62 11.60 28.07
N THR B 17 -6.33 10.30 27.96
CA THR B 17 -5.30 9.79 27.07
C THR B 17 -5.96 8.87 26.06
N LEU B 18 -5.77 9.16 24.78
CA LEU B 18 -6.39 8.39 23.70
C LEU B 18 -5.42 7.33 23.20
N SER B 19 -5.88 6.08 23.20
CA SER B 19 -5.09 4.96 22.70
C SER B 19 -5.78 4.33 21.50
N LEU B 20 -4.99 4.04 20.47
CA LEU B 20 -5.45 3.34 19.28
C LEU B 20 -4.39 2.30 18.90
N THR B 21 -4.83 1.27 18.17
CA THR B 21 -3.92 0.19 17.80
C THR B 21 -4.14 -0.22 16.37
N CYS B 22 -3.07 -0.24 15.58
CA CYS B 22 -3.10 -0.69 14.20
C CYS B 22 -2.44 -2.06 14.10
N THR B 23 -3.12 -2.98 13.39
CA THR B 23 -2.65 -4.34 13.19
C THR B 23 -2.33 -4.54 11.71
N VAL B 24 -1.18 -5.13 11.43
CA VAL B 24 -0.71 -5.42 10.09
C VAL B 24 -1.12 -6.83 9.71
N SER B 25 -1.32 -7.07 8.42
CA SER B 25 -1.60 -8.41 7.92
C SER B 25 -1.06 -8.54 6.51
N GLY B 26 -0.73 -9.76 6.12
CA GLY B 26 -0.11 -10.02 4.82
C GLY B 26 1.41 -9.95 4.86
N ASP B 27 1.95 -8.87 5.40
CA ASP B 27 3.38 -8.71 5.58
C ASP B 27 3.76 -8.98 7.04
N SER B 28 4.88 -9.67 7.23
CA SER B 28 5.44 -9.80 8.57
C SER B 28 6.01 -8.45 9.00
N ILE B 29 5.62 -7.99 10.19
CA ILE B 29 6.00 -6.66 10.64
C ILE B 29 7.50 -6.52 10.83
N SER B 30 8.22 -7.63 11.06
CA SER B 30 9.66 -7.59 11.18
C SER B 30 10.37 -7.75 9.84
N SER B 31 9.67 -8.24 8.81
CA SER B 31 10.15 -8.16 7.44
C SER B 31 9.88 -6.80 6.83
N GLY B 32 9.51 -5.83 7.65
CA GLY B 32 9.09 -4.53 7.16
C GLY B 32 10.19 -3.60 6.71
N GLY B 33 11.05 -3.19 7.64
CA GLY B 33 11.97 -2.12 7.34
C GLY B 33 11.28 -0.81 7.04
N PHE B 34 10.00 -0.70 7.39
CA PHE B 34 9.17 0.44 7.05
C PHE B 34 9.10 1.41 8.23
N TYR B 35 8.59 2.60 7.94
CA TYR B 35 8.30 3.61 8.93
C TYR B 35 6.79 3.51 9.20
N TRP B 36 6.41 2.88 10.30
CA TRP B 36 5.00 2.68 10.57
C TRP B 36 4.44 3.93 11.23
N SER B 37 3.38 4.49 10.65
CA SER B 37 3.02 5.88 10.85
C SER B 37 1.56 6.03 11.25
N TRP B 38 1.31 7.05 12.05
CA TRP B 38 -0.03 7.48 12.39
C TRP B 38 -0.26 8.86 11.77
N ILE B 39 -1.41 9.01 11.10
CA ILE B 39 -1.84 10.24 10.46
C ILE B 39 -3.29 10.47 10.86
N ARG B 40 -3.73 11.72 10.85
CA ARG B 40 -5.11 12.03 11.17
C ARG B 40 -5.67 13.09 10.22
N GLN B 41 -6.98 13.29 10.31
CA GLN B 41 -7.71 14.17 9.40
C GLN B 41 -8.93 14.70 10.13
N HIS B 42 -8.96 16.00 10.38
CA HIS B 42 -10.11 16.61 11.04
C HIS B 42 -11.30 16.64 10.08
N PRO B 43 -12.53 16.64 10.61
CA PRO B 43 -13.70 16.60 9.73
C PRO B 43 -13.77 17.84 8.84
N GLY B 44 -13.85 17.60 7.53
CA GLY B 44 -13.88 18.66 6.56
C GLY B 44 -12.56 19.36 6.34
N LYS B 45 -11.52 18.96 7.08
CA LYS B 45 -10.20 19.56 6.98
C LYS B 45 -9.28 18.63 6.20
N GLY B 46 -8.00 18.95 6.21
CA GLY B 46 -6.99 18.23 5.48
C GLY B 46 -6.25 17.22 6.34
N LEU B 47 -5.03 16.88 5.90
CA LEU B 47 -4.26 15.81 6.51
C LEU B 47 -3.14 16.36 7.39
N GLU B 48 -2.76 15.56 8.38
CA GLU B 48 -1.67 15.90 9.30
C GLU B 48 -1.06 14.60 9.80
N TRP B 49 0.24 14.44 9.56
CA TRP B 49 0.95 13.23 9.96
C TRP B 49 1.34 13.31 11.43
N ILE B 50 0.94 12.29 12.20
CA ILE B 50 1.20 12.31 13.63
C ILE B 50 2.62 11.88 13.94
N GLY B 51 3.04 10.73 13.44
CA GLY B 51 4.40 10.29 13.72
C GLY B 51 4.67 8.92 13.15
N TYR B 52 5.91 8.46 13.35
CA TYR B 52 6.27 7.11 12.94
C TYR B 52 7.22 6.47 13.94
N ILE B 53 7.32 5.15 13.82
CA ILE B 53 8.27 4.32 14.55
C ILE B 53 8.78 3.25 13.61
N SER B 54 10.04 2.86 13.76
CA SER B 54 10.63 1.78 12.98
C SER B 54 10.60 0.48 13.76
N TYR B 55 10.91 -0.61 13.08
CA TYR B 55 10.82 -1.93 13.71
C TYR B 55 11.87 -2.15 14.81
N SER B 56 12.66 -1.12 15.11
CA SER B 56 13.63 -1.15 16.20
C SER B 56 13.19 -0.33 17.41
N GLY B 57 12.57 0.81 17.20
CA GLY B 57 12.13 1.65 18.30
C GLY B 57 12.36 3.13 18.07
N SER B 58 12.79 3.50 16.86
CA SER B 58 13.03 4.90 16.54
C SER B 58 11.73 5.69 16.59
N THR B 59 11.59 6.58 17.57
CA THR B 59 10.38 7.38 17.72
C THR B 59 10.60 8.72 17.03
N TYR B 60 9.93 8.94 15.91
CA TYR B 60 10.01 10.21 15.20
C TYR B 60 8.61 10.84 15.21
N TYR B 61 8.40 11.79 16.11
CA TYR B 61 7.11 12.43 16.25
C TYR B 61 7.11 13.80 15.58
N ASN B 62 5.91 14.25 15.23
CA ASN B 62 5.73 15.61 14.74
C ASN B 62 6.14 16.58 15.83
N PRO B 63 6.91 17.63 15.50
CA PRO B 63 7.33 18.59 16.54
C PRO B 63 6.17 19.23 17.28
N SER B 64 5.04 19.43 16.62
CA SER B 64 3.88 20.03 17.28
C SER B 64 3.35 19.12 18.38
N LEU B 65 3.29 17.81 18.13
CA LEU B 65 2.67 16.87 19.05
C LEU B 65 3.65 15.95 19.76
N LYS B 66 4.96 16.14 19.57
CA LYS B 66 5.93 15.31 20.28
C LYS B 66 5.81 15.46 21.79
N SER B 67 5.25 16.57 22.26
CA SER B 67 4.98 16.74 23.69
C SER B 67 4.00 15.67 24.19
N ARG B 68 2.98 15.37 23.39
CA ARG B 68 1.88 14.51 23.82
C ARG B 68 1.89 13.13 23.21
N VAL B 69 2.44 12.96 22.02
CA VAL B 69 2.34 11.70 21.28
C VAL B 69 3.33 10.69 21.87
N THR B 70 2.85 9.48 22.09
CA THR B 70 3.69 8.32 22.34
C THR B 70 3.27 7.24 21.36
N ILE B 71 4.23 6.46 20.85
CA ILE B 71 3.92 5.41 19.89
C ILE B 71 4.50 4.11 20.38
N SER B 72 3.63 3.14 20.67
CA SER B 72 4.05 1.81 21.10
C SER B 72 4.29 0.92 19.89
N VAL B 73 5.15 -0.08 20.09
CA VAL B 73 5.42 -1.09 19.07
C VAL B 73 5.24 -2.47 19.71
N ASP B 74 4.84 -3.44 18.89
CA ASP B 74 4.69 -4.82 19.33
C ASP B 74 5.12 -5.68 18.14
N THR B 75 6.40 -6.02 18.12
CA THR B 75 6.95 -6.83 17.04
C THR B 75 6.46 -8.27 17.14
N SER B 76 6.36 -8.80 18.36
CA SER B 76 5.97 -10.19 18.56
C SER B 76 4.50 -10.44 18.20
N LYS B 77 3.69 -9.38 18.11
CA LYS B 77 2.26 -9.53 17.87
C LYS B 77 1.77 -8.70 16.68
N ASN B 78 2.70 -8.23 15.85
CA ASN B 78 2.38 -7.62 14.55
C ASN B 78 1.58 -6.33 14.68
N GLN B 79 1.83 -5.53 15.71
CA GLN B 79 1.01 -4.36 15.96
C GLN B 79 1.86 -3.14 16.27
N PHE B 80 1.27 -1.97 16.09
CA PHE B 80 1.80 -0.76 16.72
C PHE B 80 0.63 0.08 17.21
N SER B 81 0.94 1.02 18.10
CA SER B 81 -0.10 1.71 18.86
C SER B 81 0.22 3.19 18.93
N LEU B 82 -0.83 3.99 19.05
CA LEU B 82 -0.71 5.42 19.27
C LEU B 82 -1.35 5.77 20.60
N LYS B 83 -0.70 6.68 21.34
CA LYS B 83 -1.19 7.12 22.65
C LYS B 83 -0.96 8.62 22.70
N LEU B 84 -2.02 9.37 22.39
CA LEU B 84 -1.99 10.83 22.42
C LEU B 84 -2.58 11.29 23.75
N SER B 85 -1.73 11.85 24.61
CA SER B 85 -2.17 12.29 25.91
C SER B 85 -2.71 13.73 25.84
N SER B 86 -3.48 14.10 26.85
CA SER B 86 -4.01 15.46 27.00
C SER B 86 -4.85 15.85 25.78
N VAL B 87 -5.87 15.04 25.51
CA VAL B 87 -6.74 15.29 24.38
C VAL B 87 -7.79 16.34 24.75
N THR B 88 -8.15 17.16 23.77
CA THR B 88 -9.20 18.16 23.95
C THR B 88 -10.22 18.05 22.81
N ALA B 89 -11.10 19.04 22.70
CA ALA B 89 -12.06 19.06 21.61
C ALA B 89 -11.38 19.27 20.26
N ALA B 90 -10.11 19.70 20.25
CA ALA B 90 -9.40 19.95 19.00
C ALA B 90 -8.96 18.67 18.31
N ASP B 91 -8.76 17.59 19.04
CA ASP B 91 -8.15 16.38 18.49
C ASP B 91 -9.15 15.41 17.87
N THR B 92 -10.44 15.77 17.81
CA THR B 92 -11.42 14.93 17.14
C THR B 92 -11.07 14.79 15.66
N ALA B 93 -10.91 13.56 15.18
CA ALA B 93 -10.47 13.35 13.81
C ALA B 93 -10.62 11.88 13.42
N VAL B 94 -10.49 11.64 12.12
CA VAL B 94 -10.31 10.29 11.59
C VAL B 94 -8.82 9.96 11.65
N TYR B 95 -8.49 8.86 12.29
CA TYR B 95 -7.11 8.43 12.48
C TYR B 95 -6.84 7.24 11.59
N TYR B 96 -5.80 7.35 10.76
CA TYR B 96 -5.35 6.31 9.86
C TYR B 96 -3.95 5.86 10.28
N CYS B 97 -3.68 4.57 10.10
CA CYS B 97 -2.33 4.05 10.20
C CYS B 97 -1.83 3.73 8.80
N ALA B 98 -0.54 3.94 8.59
CA ALA B 98 0.06 3.81 7.27
C ALA B 98 1.42 3.15 7.36
N ARG B 99 1.81 2.50 6.27
CA ARG B 99 3.12 1.88 6.13
C ARG B 99 3.98 2.80 5.29
N GLY B 100 4.49 3.85 5.91
CA GLY B 100 5.31 4.81 5.18
C GLY B 100 6.62 4.18 4.74
N ASP B 101 6.98 4.40 3.47
CA ASP B 101 8.21 3.88 2.89
C ASP B 101 9.06 5.04 2.38
N SER B 102 10.31 4.73 2.04
CA SER B 102 11.27 5.77 1.67
C SER B 102 12.16 5.35 0.50
N SER B 103 11.58 4.68 -0.50
CA SER B 103 12.23 4.40 -1.77
C SER B 103 13.69 3.97 -1.66
N GLY B 104 14.59 4.93 -1.43
CA GLY B 104 16.01 4.66 -1.40
C GLY B 104 16.67 4.80 -0.03
N TYR B 105 17.40 5.90 0.19
CA TYR B 105 18.05 6.17 1.47
C TYR B 105 17.44 7.31 2.26
N ASN B 106 16.80 8.26 1.60
CA ASN B 106 16.23 9.41 2.28
C ASN B 106 15.05 8.95 3.15
N PRO B 107 14.62 9.77 4.11
CA PRO B 107 13.55 9.33 5.03
C PRO B 107 12.18 9.25 4.37
N LEU B 108 11.14 9.08 5.18
CA LEU B 108 9.76 8.91 4.73
C LEU B 108 9.42 9.70 3.48
N ASN B 109 8.87 9.02 2.47
CA ASN B 109 8.51 9.71 1.24
C ASN B 109 7.06 9.47 0.84
N TRP B 110 6.53 8.28 1.14
CA TRP B 110 5.17 7.95 0.76
C TRP B 110 4.60 6.92 1.72
N PHE B 111 3.30 6.69 1.60
CA PHE B 111 2.53 5.85 2.51
C PHE B 111 1.78 4.81 1.70
N ASP B 112 2.15 3.54 1.85
CA ASP B 112 1.44 2.47 1.13
C ASP B 112 1.53 1.14 1.87
N PRO B 113 0.40 0.47 2.14
CA PRO B 113 -0.94 1.01 1.89
C PRO B 113 -1.48 1.76 3.11
N TRP B 114 -2.79 1.97 3.15
CA TRP B 114 -3.45 2.66 4.25
C TRP B 114 -4.46 1.74 4.91
N GLY B 115 -4.62 1.91 6.23
CA GLY B 115 -5.80 1.40 6.88
C GLY B 115 -7.01 2.26 6.58
N GLN B 116 -8.19 1.67 6.71
CA GLN B 116 -9.39 2.39 6.28
C GLN B 116 -9.86 3.42 7.31
N GLY B 117 -9.17 3.55 8.44
CA GLY B 117 -9.38 4.64 9.36
C GLY B 117 -10.41 4.36 10.42
N THR B 118 -10.35 5.16 11.49
CA THR B 118 -11.34 5.10 12.56
C THR B 118 -11.60 6.50 13.09
N LEU B 119 -12.87 6.83 13.31
CA LEU B 119 -13.27 8.18 13.71
C LEU B 119 -13.27 8.26 15.23
N VAL B 120 -12.36 9.04 15.79
CA VAL B 120 -12.36 9.34 17.22
C VAL B 120 -12.99 10.71 17.40
N THR B 121 -14.16 10.74 18.03
CA THR B 121 -14.84 11.97 18.38
C THR B 121 -14.59 12.27 19.85
N VAL B 122 -14.37 13.54 20.16
CA VAL B 122 -14.12 13.98 21.52
C VAL B 122 -15.23 14.95 21.93
N SER B 123 -15.88 14.65 23.04
CA SER B 123 -16.90 15.49 23.65
C SER B 123 -17.17 14.93 25.04
N SER B 124 -17.32 15.83 26.01
CA SER B 124 -17.51 15.38 27.39
C SER B 124 -18.85 14.70 27.62
N ALA B 125 -19.65 14.51 26.57
CA ALA B 125 -20.92 13.80 26.69
C ALA B 125 -20.68 12.29 26.71
N SER B 126 -21.74 11.51 26.63
CA SER B 126 -21.68 10.06 26.69
C SER B 126 -22.26 9.45 25.41
N THR B 127 -22.16 8.12 25.32
CA THR B 127 -22.58 7.38 24.15
C THR B 127 -24.03 6.94 24.28
N LYS B 128 -24.71 6.82 23.14
CA LYS B 128 -26.07 6.29 23.11
C LYS B 128 -26.23 5.37 21.91
N GLY B 129 -26.69 4.15 22.17
CA GLY B 129 -27.05 3.23 21.12
C GLY B 129 -28.28 3.68 20.38
N PRO B 130 -28.20 3.73 19.05
CA PRO B 130 -29.30 4.28 18.26
C PRO B 130 -30.50 3.34 18.24
N SER B 131 -31.63 3.88 17.78
CA SER B 131 -32.83 3.08 17.61
C SER B 131 -33.14 2.95 16.13
N VAL B 132 -33.48 1.73 15.70
CA VAL B 132 -33.69 1.40 14.29
C VAL B 132 -35.18 1.20 14.07
N PHE B 133 -35.67 1.72 12.95
CA PHE B 133 -37.07 1.66 12.56
C PHE B 133 -37.19 1.25 11.11
N PRO B 134 -38.26 0.57 10.75
CA PRO B 134 -38.52 0.29 9.33
C PRO B 134 -39.14 1.50 8.64
N LEU B 135 -39.04 1.49 7.31
CA LEU B 135 -39.73 2.46 6.44
C LEU B 135 -40.23 1.65 5.25
N ALA B 136 -41.51 1.25 5.34
CA ALA B 136 -42.13 0.19 4.55
C ALA B 136 -42.41 0.64 3.12
N PRO B 137 -42.28 -0.26 2.14
CA PRO B 137 -42.75 0.04 0.79
C PRO B 137 -44.26 -0.18 0.65
N SER B 138 -45.00 0.92 0.65
CA SER B 138 -46.43 0.90 0.39
C SER B 138 -46.66 1.17 -1.11
N SER B 139 -47.87 1.55 -1.50
CA SER B 139 -48.22 1.74 -2.90
C SER B 139 -47.78 3.10 -3.42
N LYS B 140 -46.74 3.66 -2.83
CA LYS B 140 -46.37 5.06 -3.05
C LYS B 140 -45.08 5.28 -3.82
N SER B 141 -44.29 4.24 -4.09
CA SER B 141 -42.93 4.46 -4.59
C SER B 141 -42.58 3.59 -5.80
N THR B 142 -43.57 3.00 -6.47
CA THR B 142 -43.29 2.11 -7.60
C THR B 142 -43.19 2.88 -8.90
N SER B 143 -42.26 2.44 -9.76
CA SER B 143 -42.12 3.00 -11.11
C SER B 143 -41.68 1.86 -12.03
N GLY B 144 -42.66 1.25 -12.69
CA GLY B 144 -42.39 0.12 -13.55
C GLY B 144 -42.19 -1.20 -12.83
N GLY B 145 -42.87 -1.39 -11.71
CA GLY B 145 -42.69 -2.59 -10.92
C GLY B 145 -41.51 -2.57 -9.98
N THR B 146 -40.86 -1.42 -9.82
CA THR B 146 -39.67 -1.27 -8.98
C THR B 146 -39.86 -0.11 -8.02
N ALA B 147 -39.45 -0.31 -6.77
CA ALA B 147 -39.63 0.68 -5.71
C ALA B 147 -38.45 0.59 -4.75
N ALA B 148 -38.60 1.20 -3.57
CA ALA B 148 -37.52 1.24 -2.59
C ALA B 148 -38.10 1.27 -1.19
N LEU B 149 -37.30 0.78 -0.22
CA LEU B 149 -37.66 0.79 1.18
C LEU B 149 -36.47 1.26 2.00
N GLY B 150 -36.69 1.52 3.30
CA GLY B 150 -35.68 2.17 4.10
C GLY B 150 -35.56 1.64 5.51
N CYS B 151 -34.41 1.92 6.10
CA CYS B 151 -34.14 1.71 7.52
C CYS B 151 -33.73 3.05 8.14
N LEU B 152 -34.48 3.48 9.14
CA LEU B 152 -34.15 4.70 9.88
C LEU B 152 -33.31 4.35 11.10
N VAL B 153 -32.22 5.08 11.31
CA VAL B 153 -31.38 4.94 12.49
C VAL B 153 -31.34 6.30 13.15
N LYS B 154 -31.74 6.36 14.43
CA LYS B 154 -32.08 7.63 15.05
C LYS B 154 -31.43 7.78 16.42
N ASP B 155 -31.01 9.01 16.72
CA ASP B 155 -30.75 9.51 18.06
C ASP B 155 -29.57 8.78 18.72
N TYR B 156 -28.39 9.00 18.14
CA TYR B 156 -27.15 8.46 18.67
C TYR B 156 -26.07 9.53 18.71
N PHE B 157 -25.05 9.27 19.53
CA PHE B 157 -23.83 10.06 19.63
C PHE B 157 -22.75 9.16 20.22
N PRO B 158 -21.50 9.27 19.75
CA PRO B 158 -21.09 10.08 18.61
C PRO B 158 -21.03 9.26 17.33
N GLU B 159 -20.53 9.87 16.26
CA GLU B 159 -20.34 9.16 15.01
C GLU B 159 -19.27 8.08 15.19
N PRO B 160 -19.30 7.03 14.36
CA PRO B 160 -20.30 6.72 13.33
C PRO B 160 -21.14 5.48 13.66
N VAL B 161 -22.22 5.29 12.90
CA VAL B 161 -22.97 4.04 12.89
C VAL B 161 -22.94 3.49 11.47
N THR B 162 -23.26 2.21 11.34
CA THR B 162 -23.24 1.56 10.04
C THR B 162 -24.50 0.73 9.83
N VAL B 163 -24.97 0.71 8.59
CA VAL B 163 -26.12 -0.10 8.18
C VAL B 163 -25.74 -0.89 6.94
N SER B 164 -25.93 -2.20 6.99
CA SER B 164 -25.76 -3.09 5.85
C SER B 164 -27.07 -3.85 5.63
N TRP B 165 -27.08 -4.70 4.61
CA TRP B 165 -28.30 -5.42 4.26
C TRP B 165 -28.00 -6.87 3.96
N ASN B 166 -28.80 -7.78 4.55
CA ASN B 166 -28.73 -9.21 4.28
C ASN B 166 -27.33 -9.77 4.54
N SER B 167 -26.71 -9.33 5.64
CA SER B 167 -25.40 -9.82 6.07
C SER B 167 -24.36 -9.69 4.96
N GLY B 168 -24.44 -8.59 4.20
CA GLY B 168 -23.50 -8.31 3.14
C GLY B 168 -23.83 -8.92 1.80
N ALA B 169 -24.78 -9.87 1.75
CA ALA B 169 -25.18 -10.47 0.48
C ALA B 169 -25.85 -9.48 -0.45
N LEU B 170 -26.42 -8.40 0.09
CA LEU B 170 -27.08 -7.36 -0.69
C LEU B 170 -26.17 -6.13 -0.70
N THR B 171 -25.55 -5.86 -1.85
CA THR B 171 -24.65 -4.73 -2.00
C THR B 171 -25.13 -3.73 -3.04
N SER B 172 -25.43 -4.18 -4.25
CA SER B 172 -25.81 -3.27 -5.32
C SER B 172 -27.15 -2.63 -5.05
N GLY B 173 -27.31 -1.38 -5.48
CA GLY B 173 -28.57 -0.68 -5.34
C GLY B 173 -28.90 -0.22 -3.94
N VAL B 174 -27.90 -0.05 -3.08
CA VAL B 174 -28.10 0.35 -1.69
C VAL B 174 -27.41 1.68 -1.47
N HIS B 175 -28.10 2.61 -0.81
CA HIS B 175 -27.55 3.95 -0.59
C HIS B 175 -27.88 4.43 0.82
N THR B 176 -26.89 4.95 1.53
CA THR B 176 -27.06 5.48 2.87
C THR B 176 -26.57 6.92 2.91
N PHE B 177 -27.19 7.73 3.76
CA PHE B 177 -27.03 9.18 3.72
C PHE B 177 -26.22 9.70 4.90
N PRO B 178 -25.58 10.87 4.74
CA PRO B 178 -24.80 11.43 5.85
C PRO B 178 -25.66 11.69 7.08
N ALA B 179 -25.06 11.49 8.25
CA ALA B 179 -25.75 11.75 9.50
C ALA B 179 -25.95 13.26 9.70
N VAL B 180 -26.84 13.60 10.63
CA VAL B 180 -27.22 14.99 10.89
C VAL B 180 -26.81 15.35 12.31
N LEU B 181 -26.20 16.52 12.47
CA LEU B 181 -25.91 17.07 13.80
C LEU B 181 -27.09 17.94 14.19
N GLN B 182 -28.08 17.31 14.82
CA GLN B 182 -29.30 18.01 15.20
C GLN B 182 -29.01 19.07 16.27
N SER B 183 -29.98 19.96 16.46
CA SER B 183 -29.90 20.90 17.57
C SER B 183 -29.84 20.16 18.90
N SER B 184 -30.41 18.96 18.97
CA SER B 184 -30.35 18.12 20.15
C SER B 184 -28.97 17.49 20.37
N GLY B 185 -27.99 17.76 19.51
CA GLY B 185 -26.70 17.13 19.63
C GLY B 185 -26.72 15.65 19.34
N LEU B 186 -27.69 15.18 18.56
CA LEU B 186 -27.84 13.77 18.24
C LEU B 186 -27.67 13.56 16.75
N TYR B 187 -27.23 12.36 16.38
CA TYR B 187 -27.05 11.99 14.99
C TYR B 187 -28.15 11.03 14.53
N SER B 188 -28.51 11.15 13.26
CA SER B 188 -29.53 10.31 12.66
C SER B 188 -29.22 10.14 11.18
N LEU B 189 -29.52 8.96 10.65
CA LEU B 189 -29.31 8.70 9.24
C LEU B 189 -30.29 7.62 8.79
N SER B 190 -30.20 7.25 7.51
CA SER B 190 -31.13 6.31 6.93
C SER B 190 -30.47 5.57 5.78
N SER B 191 -30.87 4.31 5.62
CA SER B 191 -30.33 3.43 4.58
C SER B 191 -31.48 2.97 3.69
N VAL B 192 -31.49 3.41 2.44
CA VAL B 192 -32.53 3.06 1.48
C VAL B 192 -31.98 2.01 0.51
N VAL B 193 -32.86 1.14 0.05
CA VAL B 193 -32.51 0.10 -0.91
C VAL B 193 -33.62 0.02 -1.96
N THR B 194 -33.22 -0.10 -3.22
CA THR B 194 -34.13 -0.09 -4.36
C THR B 194 -34.16 -1.47 -5.00
N VAL B 195 -35.35 -2.05 -5.09
CA VAL B 195 -35.56 -3.38 -5.66
C VAL B 195 -36.89 -3.41 -6.41
N PRO B 196 -37.06 -4.36 -7.31
CA PRO B 196 -38.36 -4.55 -7.95
C PRO B 196 -39.38 -5.13 -6.98
N SER B 197 -40.66 -4.96 -7.34
CA SER B 197 -41.75 -5.43 -6.50
C SER B 197 -41.79 -6.94 -6.36
N SER B 198 -41.18 -7.67 -7.31
CA SER B 198 -41.35 -9.13 -7.40
C SER B 198 -41.07 -9.83 -6.09
N SER B 199 -40.05 -9.38 -5.36
CA SER B 199 -39.56 -10.06 -4.17
C SER B 199 -40.30 -9.66 -2.91
N LEU B 200 -41.42 -8.93 -3.02
CA LEU B 200 -42.19 -8.60 -1.82
C LEU B 200 -42.90 -9.81 -1.23
N GLY B 201 -43.12 -10.85 -2.03
CA GLY B 201 -43.85 -12.02 -1.55
C GLY B 201 -43.01 -13.29 -1.45
N THR B 202 -41.76 -13.23 -1.92
CA THR B 202 -40.89 -14.39 -1.85
C THR B 202 -39.45 -14.04 -1.49
N GLN B 203 -39.22 -12.92 -0.81
CA GLN B 203 -37.87 -12.56 -0.39
C GLN B 203 -37.94 -11.57 0.77
N THR B 204 -36.90 -11.58 1.59
CA THR B 204 -36.83 -10.82 2.83
C THR B 204 -35.74 -9.77 2.74
N TYR B 205 -35.92 -8.67 3.47
CA TYR B 205 -34.94 -7.59 3.49
C TYR B 205 -34.77 -7.09 4.92
N ILE B 206 -33.63 -7.41 5.52
CA ILE B 206 -33.29 -6.99 6.87
C ILE B 206 -32.03 -6.13 6.80
N CYS B 207 -32.05 -4.99 7.49
CA CYS B 207 -30.88 -4.15 7.62
C CYS B 207 -30.24 -4.37 8.98
N ASN B 208 -28.92 -4.39 9.01
CA ASN B 208 -28.16 -4.60 10.22
C ASN B 208 -27.41 -3.32 10.58
N VAL B 209 -27.63 -2.83 11.79
CA VAL B 209 -27.17 -1.53 12.25
C VAL B 209 -26.22 -1.75 13.42
N ASN B 210 -25.03 -1.16 13.33
CA ASN B 210 -24.01 -1.33 14.36
C ASN B 210 -23.52 0.03 14.84
N HIS B 211 -23.30 0.11 16.15
CA HIS B 211 -22.77 1.29 16.83
C HIS B 211 -21.68 0.81 17.79
N LYS B 212 -20.43 1.12 17.45
CA LYS B 212 -19.29 0.67 18.25
C LYS B 212 -19.26 1.27 19.66
N PRO B 213 -19.36 2.60 19.85
CA PRO B 213 -19.22 3.16 21.20
C PRO B 213 -20.31 2.74 22.18
N SER B 214 -21.30 1.96 21.73
CA SER B 214 -22.37 1.50 22.59
C SER B 214 -22.62 0.01 22.50
N ASN B 215 -21.79 -0.73 21.75
CA ASN B 215 -21.92 -2.18 21.58
C ASN B 215 -23.23 -2.57 20.89
N THR B 216 -23.89 -1.63 20.22
CA THR B 216 -25.24 -1.87 19.74
C THR B 216 -25.21 -2.59 18.39
N LYS B 217 -25.93 -3.71 18.30
CA LYS B 217 -25.97 -4.53 17.10
C LYS B 217 -27.41 -4.98 16.89
N VAL B 218 -28.08 -4.40 15.90
CA VAL B 218 -29.53 -4.55 15.72
C VAL B 218 -29.81 -5.06 14.31
N ASP B 219 -30.48 -6.21 14.21
CA ASP B 219 -30.98 -6.73 12.94
C ASP B 219 -32.46 -6.37 12.84
N LYS B 220 -32.79 -5.39 12.01
CA LYS B 220 -34.15 -4.88 11.89
C LYS B 220 -34.74 -5.25 10.55
N LYS B 221 -35.94 -5.83 10.59
CA LYS B 221 -36.60 -6.36 9.41
C LYS B 221 -37.58 -5.35 8.85
N VAL B 222 -37.56 -5.17 7.52
CA VAL B 222 -38.40 -4.19 6.84
C VAL B 222 -39.33 -4.95 5.90
N GLU B 223 -40.63 -4.76 6.08
CA GLU B 223 -41.67 -5.39 5.29
C GLU B 223 -42.70 -4.35 4.87
N PRO B 224 -43.44 -4.59 3.79
CA PRO B 224 -44.61 -3.76 3.51
C PRO B 224 -45.65 -3.90 4.61
N LYS B 225 -46.35 -2.81 4.87
CA LYS B 225 -47.33 -2.76 5.96
C LYS B 225 -48.60 -3.53 5.58
N SER C 1 -0.26 23.51 7.28
CA SER C 1 0.10 22.91 6.00
C SER C 1 1.24 23.70 5.33
N VAL C 2 2.47 23.19 5.48
CA VAL C 2 3.64 23.90 4.97
C VAL C 2 3.66 23.89 3.44
N LEU C 3 3.34 22.75 2.83
CA LEU C 3 3.21 22.71 1.39
C LEU C 3 1.94 23.44 0.96
N THR C 4 2.08 24.34 -0.02
CA THR C 4 0.98 25.20 -0.44
C THR C 4 0.35 24.64 -1.70
N GLN C 5 -0.87 24.15 -1.58
CA GLN C 5 -1.60 23.74 -2.75
C GLN C 5 -2.71 24.74 -3.08
N PRO C 6 -3.04 24.92 -4.35
CA PRO C 6 -4.24 25.68 -4.69
C PRO C 6 -5.47 25.03 -4.05
N PRO C 7 -6.41 25.83 -3.56
CA PRO C 7 -7.59 25.26 -2.89
C PRO C 7 -8.43 24.39 -3.81
N SER C 8 -8.84 24.91 -4.96
CA SER C 8 -9.67 24.17 -5.89
C SER C 8 -9.15 24.32 -7.31
N ALA C 9 -9.29 23.23 -8.08
CA ALA C 9 -9.08 23.22 -9.52
C ALA C 9 -10.22 22.46 -10.16
N SER C 10 -10.51 22.78 -11.42
CA SER C 10 -11.72 22.25 -12.05
C SER C 10 -11.49 22.05 -13.54
N GLY C 11 -12.36 21.24 -14.13
CA GLY C 11 -12.27 20.98 -15.55
C GLY C 11 -13.45 20.15 -16.04
N THR C 12 -13.33 19.70 -17.28
CA THR C 12 -14.30 18.85 -17.96
C THR C 12 -13.57 17.65 -18.53
N PRO C 13 -14.28 16.56 -18.80
CA PRO C 13 -13.62 15.36 -19.32
C PRO C 13 -12.86 15.65 -20.61
N GLY C 14 -11.69 15.04 -20.75
CA GLY C 14 -10.83 15.27 -21.89
C GLY C 14 -9.84 16.40 -21.74
N GLN C 15 -9.69 16.94 -20.54
CA GLN C 15 -8.80 18.07 -20.29
C GLN C 15 -7.35 17.62 -20.14
N ARG C 16 -6.53 18.55 -19.66
CA ARG C 16 -5.26 18.25 -18.99
C ARG C 16 -5.25 19.12 -17.73
N VAL C 17 -5.70 18.54 -16.62
CA VAL C 17 -5.82 19.27 -15.36
C VAL C 17 -4.54 19.10 -14.55
N THR C 18 -3.96 20.21 -14.11
CA THR C 18 -2.70 20.18 -13.38
C THR C 18 -2.92 20.75 -11.98
N ILE C 19 -2.38 20.06 -10.98
CA ILE C 19 -2.55 20.38 -9.57
C ILE C 19 -1.17 20.67 -9.00
N TYR C 20 -1.06 21.74 -8.21
CA TYR C 20 0.23 22.30 -7.84
C TYR C 20 0.55 22.07 -6.38
N CYS C 21 1.84 22.15 -6.06
CA CYS C 21 2.30 21.93 -4.69
C CYS C 21 3.63 22.67 -4.53
N SER C 22 3.61 23.81 -3.85
CA SER C 22 4.79 24.65 -3.72
C SER C 22 5.25 24.69 -2.28
N GLY C 23 6.50 24.30 -2.04
CA GLY C 23 7.12 24.41 -0.75
C GLY C 23 8.45 25.14 -0.83
N SER C 24 9.33 24.90 0.13
CA SER C 24 10.63 25.53 0.16
C SER C 24 11.73 24.47 -0.01
N THR C 25 12.98 24.93 0.03
CA THR C 25 14.11 24.01 -0.08
C THR C 25 14.11 23.01 1.05
N SER C 26 13.60 23.38 2.22
CA SER C 26 13.63 22.49 3.38
C SER C 26 12.69 21.30 3.24
N ASN C 27 11.67 21.36 2.39
CA ASN C 27 10.78 20.20 2.22
C ASN C 27 10.84 19.62 0.80
N ILE C 28 10.45 20.38 -0.22
CA ILE C 28 10.43 19.84 -1.58
C ILE C 28 11.77 20.04 -2.28
N GLY C 29 12.57 21.01 -1.84
CA GLY C 29 13.85 21.25 -2.48
C GLY C 29 14.79 20.08 -2.36
N GLY C 30 14.65 19.25 -1.31
CA GLY C 30 15.60 18.18 -1.07
C GLY C 30 15.04 16.78 -0.94
N ASN C 31 13.71 16.63 -0.97
CA ASN C 31 13.08 15.34 -0.76
C ASN C 31 11.94 15.15 -1.75
N THR C 32 11.60 13.89 -2.00
CA THR C 32 10.62 13.57 -3.02
C THR C 32 9.20 13.90 -2.57
N VAL C 33 8.33 14.11 -3.56
CA VAL C 33 6.90 14.36 -3.35
C VAL C 33 6.14 13.08 -3.64
N SER C 34 5.12 12.83 -2.84
CA SER C 34 4.13 11.79 -3.14
C SER C 34 2.76 12.45 -3.27
N TRP C 35 1.91 11.84 -4.08
CA TRP C 35 0.60 12.40 -4.39
C TRP C 35 -0.49 11.41 -4.00
N TYR C 36 -1.57 11.92 -3.41
CA TYR C 36 -2.63 11.11 -2.83
C TYR C 36 -3.99 11.59 -3.29
N GLN C 37 -4.84 10.66 -3.71
CA GLN C 37 -6.21 10.95 -4.14
C GLN C 37 -7.19 10.39 -3.11
N GLN C 38 -8.01 11.26 -2.55
CA GLN C 38 -9.01 10.89 -1.56
C GLN C 38 -10.39 11.11 -2.16
N LEU C 39 -11.12 10.00 -2.33
CA LEU C 39 -12.47 10.01 -2.87
C LEU C 39 -13.45 10.45 -1.78
N PRO C 40 -14.71 10.79 -2.14
CA PRO C 40 -15.65 11.33 -1.15
C PRO C 40 -15.75 10.53 0.13
N SER C 41 -15.27 11.12 1.23
CA SER C 41 -15.31 10.52 2.57
C SER C 41 -14.75 9.10 2.57
N MET C 42 -13.50 8.98 2.15
CA MET C 42 -12.81 7.69 2.08
C MET C 42 -11.36 7.86 2.52
N ALA C 43 -10.75 6.74 2.88
CA ALA C 43 -9.32 6.73 3.20
C ALA C 43 -8.51 7.07 1.96
N PRO C 44 -7.43 7.85 2.10
CA PRO C 44 -6.63 8.25 0.94
C PRO C 44 -6.00 7.09 0.18
N LYS C 45 -5.36 7.40 -0.94
CA LYS C 45 -4.83 6.40 -1.86
C LYS C 45 -3.63 7.00 -2.59
N LEU C 46 -2.53 6.24 -2.63
CA LEU C 46 -1.30 6.73 -3.25
C LEU C 46 -1.45 6.78 -4.76
N LEU C 47 -1.10 7.93 -5.34
CA LEU C 47 -1.11 8.12 -6.79
C LEU C 47 0.26 8.27 -7.40
N ILE C 48 1.14 9.05 -6.79
CA ILE C 48 2.49 9.26 -7.28
C ILE C 48 3.44 9.16 -6.09
N TYR C 49 4.59 8.51 -6.31
CA TYR C 49 5.68 8.49 -5.35
C TYR C 49 6.98 8.68 -6.12
N SER C 50 8.01 9.15 -5.42
CA SER C 50 9.29 9.49 -6.04
C SER C 50 9.11 10.53 -7.16
N ASN C 51 8.05 11.34 -7.02
CA ASN C 51 7.72 12.52 -7.83
C ASN C 51 7.19 12.21 -9.22
N ASP C 52 7.36 10.99 -9.72
CA ASP C 52 6.77 10.67 -11.02
C ASP C 52 6.30 9.23 -11.13
N GLN C 53 6.72 8.37 -10.19
CA GLN C 53 6.43 6.94 -10.29
C GLN C 53 4.94 6.66 -10.09
N ARG C 54 4.48 5.56 -10.71
CA ARG C 54 3.09 5.16 -10.68
C ARG C 54 2.93 3.83 -9.96
N PRO C 55 2.08 3.76 -8.94
CA PRO C 55 1.72 2.47 -8.37
C PRO C 55 1.00 1.61 -9.40
N SER C 56 0.95 0.31 -9.12
CA SER C 56 0.15 -0.58 -9.95
C SER C 56 -1.31 -0.17 -9.89
N GLY C 57 -2.00 -0.32 -11.01
CA GLY C 57 -3.37 0.17 -11.07
C GLY C 57 -3.47 1.68 -10.98
N VAL C 58 -2.57 2.39 -11.63
CA VAL C 58 -2.65 3.84 -11.76
C VAL C 58 -2.50 4.20 -13.23
N PRO C 59 -3.45 4.93 -13.81
CA PRO C 59 -3.37 5.27 -15.23
C PRO C 59 -2.37 6.39 -15.49
N ASP C 60 -1.62 6.25 -16.58
CA ASP C 60 -0.68 7.29 -16.98
C ASP C 60 -1.36 8.59 -17.38
N ARG C 61 -2.69 8.66 -17.36
CA ARG C 61 -3.35 9.95 -17.29
C ARG C 61 -2.80 10.76 -16.13
N PHE C 62 -2.64 10.11 -14.98
CA PHE C 62 -1.92 10.67 -13.85
C PHE C 62 -0.43 10.52 -14.10
N SER C 63 0.25 11.62 -14.36
CA SER C 63 1.69 11.69 -14.28
C SER C 63 2.05 12.74 -13.25
N GLY C 64 3.30 12.74 -12.81
CA GLY C 64 3.76 13.70 -11.85
C GLY C 64 5.13 14.22 -12.22
N SER C 65 5.50 15.34 -11.61
CA SER C 65 6.85 15.86 -11.79
C SER C 65 7.13 16.86 -10.68
N LYS C 66 8.41 17.24 -10.60
CA LYS C 66 8.89 18.15 -9.56
C LYS C 66 10.16 18.82 -10.04
N SER C 67 10.24 20.14 -9.83
CA SER C 67 11.44 20.90 -10.12
C SER C 67 11.65 21.92 -9.01
N GLY C 68 12.91 22.09 -8.62
CA GLY C 68 13.25 23.02 -7.56
C GLY C 68 12.54 22.70 -6.26
N THR C 69 11.60 23.56 -5.86
CA THR C 69 10.82 23.37 -4.65
C THR C 69 9.34 23.18 -4.94
N SER C 70 8.96 23.01 -6.21
CA SER C 70 7.56 22.98 -6.61
C SER C 70 7.28 21.76 -7.46
N ALA C 71 6.14 21.11 -7.19
CA ALA C 71 5.73 19.89 -7.85
C ALA C 71 4.36 20.04 -8.49
N SER C 72 4.10 19.20 -9.49
CA SER C 72 2.83 19.20 -10.20
C SER C 72 2.36 17.78 -10.44
N LEU C 73 1.04 17.61 -10.38
CA LEU C 73 0.34 16.40 -10.79
C LEU C 73 -0.45 16.72 -12.04
N ALA C 74 -0.15 16.03 -13.13
CA ALA C 74 -0.77 16.28 -14.42
C ALA C 74 -1.72 15.13 -14.75
N ILE C 75 -3.02 15.40 -14.68
CA ILE C 75 -4.05 14.48 -15.17
C ILE C 75 -4.23 14.83 -16.64
N SER C 76 -3.48 14.13 -17.49
CA SER C 76 -3.60 14.29 -18.94
C SER C 76 -4.69 13.35 -19.42
N GLY C 77 -5.81 13.91 -19.87
CA GLY C 77 -6.96 13.10 -20.24
C GLY C 77 -7.97 12.95 -19.12
N LEU C 78 -8.41 14.08 -18.56
CA LEU C 78 -9.33 14.09 -17.43
C LEU C 78 -10.56 13.22 -17.71
N GLN C 79 -11.00 12.52 -16.68
CA GLN C 79 -12.17 11.64 -16.78
C GLN C 79 -13.06 11.85 -15.56
N SER C 80 -14.28 11.30 -15.65
CA SER C 80 -15.36 11.68 -14.74
C SER C 80 -15.07 11.30 -13.30
N GLU C 81 -14.51 10.11 -13.07
CA GLU C 81 -14.32 9.58 -11.73
C GLU C 81 -13.17 10.23 -10.97
N ASP C 82 -12.58 11.29 -11.51
CA ASP C 82 -11.45 11.96 -10.88
C ASP C 82 -11.88 13.09 -9.95
N GLU C 83 -13.17 13.20 -9.66
CA GLU C 83 -13.69 14.25 -8.78
C GLU C 83 -13.39 13.85 -7.33
N ALA C 84 -12.29 14.38 -6.80
CA ALA C 84 -11.82 13.98 -5.47
C ALA C 84 -10.92 15.09 -4.92
N ASP C 85 -10.23 14.78 -3.82
CA ASP C 85 -9.30 15.71 -3.18
C ASP C 85 -7.88 15.19 -3.36
N TYR C 86 -6.99 16.07 -3.81
CA TYR C 86 -5.62 15.67 -4.13
C TYR C 86 -4.64 16.36 -3.18
N TYR C 87 -3.87 15.57 -2.45
CA TYR C 87 -2.88 16.06 -1.51
C TYR C 87 -1.48 15.73 -2.00
N CYS C 88 -0.54 16.65 -1.73
CA CYS C 88 0.88 16.40 -1.94
C CYS C 88 1.57 16.29 -0.60
N ALA C 89 2.58 15.44 -0.51
CA ALA C 89 3.28 15.22 0.74
C ALA C 89 4.77 15.11 0.49
N ALA C 90 5.57 15.66 1.41
CA ALA C 90 7.02 15.60 1.28
C ALA C 90 7.65 15.71 2.65
N TRP C 91 8.92 15.32 2.75
CA TRP C 91 9.66 15.37 4.00
C TRP C 91 10.33 16.72 4.16
N ASP C 92 10.02 17.42 5.25
CA ASP C 92 10.69 18.66 5.60
C ASP C 92 11.75 18.37 6.66
N GLU C 93 12.98 18.82 6.39
CA GLU C 93 14.09 18.54 7.28
C GLU C 93 14.18 19.55 8.42
N ASN C 94 13.99 20.85 8.12
CA ASN C 94 14.00 21.85 9.17
C ASN C 94 12.89 21.64 10.19
N LEU C 95 11.84 20.91 9.81
CA LEU C 95 10.82 20.49 10.76
C LEU C 95 10.96 19.03 11.14
N ASN C 96 11.74 18.26 10.40
CA ASN C 96 12.04 16.85 10.73
C ASN C 96 10.76 16.02 10.74
N GLY C 97 10.04 16.06 9.62
CA GLY C 97 8.77 15.34 9.57
C GLY C 97 8.22 15.30 8.16
N VAL C 98 6.96 14.86 8.07
CA VAL C 98 6.25 14.74 6.79
C VAL C 98 5.14 15.77 6.77
N VAL C 99 5.08 16.55 5.68
CA VAL C 99 4.14 17.66 5.56
C VAL C 99 3.25 17.43 4.35
N PHE C 100 1.99 17.82 4.49
CA PHE C 100 0.99 17.73 3.43
C PHE C 100 0.67 19.12 2.91
N GLY C 101 0.16 19.14 1.68
CA GLY C 101 -0.39 20.37 1.13
C GLY C 101 -1.80 20.61 1.61
N GLY C 102 -2.31 21.79 1.28
CA GLY C 102 -3.67 22.13 1.68
C GLY C 102 -4.75 21.33 1.00
N GLY C 103 -4.40 20.37 0.15
CA GLY C 103 -5.38 19.66 -0.63
C GLY C 103 -5.87 20.47 -1.82
N THR C 104 -6.35 19.78 -2.84
CA THR C 104 -6.90 20.41 -4.03
C THR C 104 -8.24 19.76 -4.35
N LYS C 105 -9.31 20.52 -4.19
CA LYS C 105 -10.65 20.03 -4.50
C LYS C 105 -10.83 20.10 -6.02
N LEU C 106 -10.87 18.95 -6.67
CA LEU C 106 -10.99 18.88 -8.11
C LEU C 106 -12.44 18.62 -8.49
N THR C 107 -12.98 19.47 -9.34
CA THR C 107 -14.37 19.38 -9.78
C THR C 107 -14.39 19.08 -11.28
N VAL C 108 -15.12 18.03 -11.65
CA VAL C 108 -15.32 17.68 -13.05
C VAL C 108 -16.69 18.22 -13.46
N LEU C 109 -16.69 19.31 -14.21
CA LEU C 109 -17.91 19.94 -14.68
C LEU C 109 -18.27 19.36 -16.05
N GLY C 110 -19.23 19.99 -16.73
CA GLY C 110 -19.65 19.54 -18.05
C GLY C 110 -20.69 18.45 -18.04
N GLN C 111 -20.92 17.82 -16.90
CA GLN C 111 -21.98 16.82 -16.82
C GLN C 111 -23.34 17.50 -16.93
N PRO C 112 -24.30 16.87 -17.60
CA PRO C 112 -25.55 17.57 -17.95
C PRO C 112 -26.41 17.86 -16.73
N LYS C 113 -27.27 18.87 -16.89
CA LYS C 113 -28.27 19.20 -15.90
C LYS C 113 -29.24 18.03 -15.73
N ALA C 114 -29.59 17.74 -14.47
CA ALA C 114 -30.38 16.55 -14.14
C ALA C 114 -31.59 16.92 -13.30
N ALA C 115 -32.49 15.94 -13.16
CA ALA C 115 -33.71 16.04 -12.36
C ALA C 115 -33.59 15.20 -11.09
N PRO C 116 -34.04 15.71 -9.95
CA PRO C 116 -33.83 14.98 -8.69
C PRO C 116 -34.86 13.89 -8.46
N SER C 117 -34.37 12.73 -8.02
CA SER C 117 -35.23 11.62 -7.64
C SER C 117 -35.66 11.81 -6.19
N VAL C 118 -36.96 11.93 -5.97
CA VAL C 118 -37.51 12.28 -4.66
C VAL C 118 -38.25 11.07 -4.09
N THR C 119 -37.88 10.70 -2.86
CA THR C 119 -38.48 9.59 -2.14
C THR C 119 -39.02 10.08 -0.81
N LEU C 120 -40.13 9.51 -0.37
CA LEU C 120 -40.75 9.93 0.89
C LEU C 120 -41.21 8.73 1.67
N PHE C 121 -40.96 8.75 2.98
CA PHE C 121 -41.32 7.66 3.87
C PHE C 121 -42.06 8.20 5.09
N PRO C 122 -43.23 7.66 5.41
CA PRO C 122 -43.94 8.07 6.62
C PRO C 122 -43.52 7.21 7.81
N PRO C 123 -43.87 7.61 9.03
CA PRO C 123 -43.45 6.84 10.20
C PRO C 123 -43.99 5.43 10.19
N SER C 124 -43.20 4.49 10.72
CA SER C 124 -43.54 3.08 10.67
C SER C 124 -44.59 2.74 11.71
N SER C 125 -45.11 1.51 11.62
CA SER C 125 -45.97 0.97 12.66
C SER C 125 -45.21 0.77 13.97
N GLU C 126 -43.88 0.74 13.91
CA GLU C 126 -43.07 0.61 15.11
C GLU C 126 -42.84 1.96 15.77
N GLU C 127 -42.46 2.98 14.98
CA GLU C 127 -42.08 4.25 15.56
C GLU C 127 -43.25 4.96 16.23
N LEU C 128 -44.46 4.82 15.67
CA LEU C 128 -45.64 5.41 16.30
C LEU C 128 -45.90 4.86 17.69
N GLN C 129 -45.13 3.87 18.14
CA GLN C 129 -45.27 3.26 19.45
C GLN C 129 -44.23 3.77 20.44
N ALA C 130 -43.56 4.88 20.14
CA ALA C 130 -42.46 5.37 20.95
C ALA C 130 -42.58 6.87 21.20
N ASN C 131 -43.81 7.37 21.34
CA ASN C 131 -44.11 8.78 21.62
C ASN C 131 -43.54 9.72 20.56
N LYS C 132 -43.09 9.18 19.42
CA LYS C 132 -42.41 9.97 18.41
C LYS C 132 -42.78 9.43 17.04
N ALA C 133 -42.61 10.27 16.02
CA ALA C 133 -42.83 9.87 14.64
C ALA C 133 -41.82 10.59 13.76
N THR C 134 -41.45 9.94 12.66
CA THR C 134 -40.46 10.53 11.75
C THR C 134 -40.87 10.31 10.30
N LEU C 135 -40.89 11.39 9.54
CA LEU C 135 -41.04 11.35 8.08
C LEU C 135 -39.71 11.72 7.44
N VAL C 136 -39.39 11.07 6.32
CA VAL C 136 -38.07 11.18 5.72
C VAL C 136 -38.24 11.49 4.23
N CYS C 137 -37.48 12.47 3.74
CA CYS C 137 -37.46 12.81 2.31
C CYS C 137 -36.04 12.68 1.78
N LEU C 138 -35.91 12.03 0.63
CA LEU C 138 -34.63 11.69 0.01
C LEU C 138 -34.55 12.34 -1.37
N ILE C 139 -33.46 13.04 -1.64
CA ILE C 139 -33.24 13.66 -2.94
C ILE C 139 -31.96 13.05 -3.50
N SER C 140 -32.07 12.35 -4.62
CA SER C 140 -30.95 11.55 -5.12
C SER C 140 -30.70 11.79 -6.60
N ASP C 141 -29.43 11.75 -6.98
CA ASP C 141 -28.99 11.74 -8.37
C ASP C 141 -29.50 12.98 -9.13
N PHE C 142 -29.00 14.13 -8.69
CA PHE C 142 -29.28 15.40 -9.34
C PHE C 142 -27.98 16.19 -9.45
N TYR C 143 -27.95 17.10 -10.42
CA TYR C 143 -26.78 17.91 -10.72
C TYR C 143 -27.25 19.24 -11.30
N PRO C 144 -26.88 20.39 -10.71
CA PRO C 144 -25.95 20.67 -9.61
C PRO C 144 -26.38 20.17 -8.23
N GLY C 145 -25.57 20.48 -7.22
CA GLY C 145 -25.77 19.99 -5.87
C GLY C 145 -26.49 20.91 -4.91
N ALA C 146 -27.18 21.94 -5.41
CA ALA C 146 -27.91 22.87 -4.57
C ALA C 146 -29.40 22.47 -4.52
N VAL C 147 -30.02 22.66 -3.35
CA VAL C 147 -31.39 22.25 -3.12
C VAL C 147 -32.16 23.32 -2.35
N THR C 148 -33.49 23.28 -2.49
CA THR C 148 -34.39 24.00 -1.60
C THR C 148 -35.50 23.04 -1.19
N VAL C 149 -35.80 22.98 0.11
CA VAL C 149 -36.70 21.97 0.67
C VAL C 149 -37.95 22.66 1.19
N ALA C 150 -39.11 22.16 0.80
CA ALA C 150 -40.38 22.72 1.25
C ALA C 150 -41.35 21.60 1.60
N TRP C 151 -41.82 21.59 2.84
CA TRP C 151 -42.78 20.58 3.31
C TRP C 151 -44.15 21.21 3.42
N LYS C 152 -45.17 20.50 2.93
CA LYS C 152 -46.54 20.99 2.90
C LYS C 152 -47.50 20.01 3.55
N ALA C 153 -48.70 20.51 3.82
CA ALA C 153 -49.83 19.71 4.25
C ALA C 153 -51.09 20.39 3.73
N ASP C 154 -51.85 19.68 2.90
CA ASP C 154 -53.09 20.18 2.32
C ASP C 154 -52.90 21.57 1.68
N SER C 155 -51.90 21.64 0.81
CA SER C 155 -51.56 22.86 0.07
C SER C 155 -51.09 24.00 0.97
N SER C 156 -50.69 23.71 2.21
CA SER C 156 -50.24 24.75 3.14
C SER C 156 -48.94 24.30 3.80
N PRO C 157 -47.83 25.03 3.61
CA PRO C 157 -46.54 24.53 4.06
C PRO C 157 -46.28 24.75 5.56
N VAL C 158 -45.22 24.09 6.03
CA VAL C 158 -44.71 24.22 7.39
C VAL C 158 -43.18 24.29 7.31
N LYS C 159 -42.55 24.87 8.33
CA LYS C 159 -41.11 25.10 8.31
C LYS C 159 -40.33 24.26 9.31
N ALA C 160 -40.63 24.35 10.60
CA ALA C 160 -39.72 23.89 11.63
C ALA C 160 -39.77 22.37 11.79
N GLY C 161 -38.99 21.87 12.76
CA GLY C 161 -38.90 20.45 13.03
C GLY C 161 -38.17 19.65 11.97
N VAL C 162 -37.61 20.31 10.97
CA VAL C 162 -36.98 19.64 9.83
C VAL C 162 -35.48 19.88 9.92
N GLU C 163 -34.73 18.80 10.10
CA GLU C 163 -33.28 18.85 10.03
C GLU C 163 -32.84 18.44 8.64
N THR C 164 -32.05 19.29 7.99
CA THR C 164 -31.59 19.07 6.63
C THR C 164 -30.08 19.13 6.60
N THR C 165 -29.46 18.10 6.02
CA THR C 165 -28.01 18.00 5.99
C THR C 165 -27.44 18.70 4.76
N THR C 166 -26.14 18.90 4.77
CA THR C 166 -25.45 19.41 3.59
C THR C 166 -25.52 18.37 2.47
N PRO C 167 -25.71 18.80 1.22
CA PRO C 167 -25.75 17.84 0.11
C PRO C 167 -24.41 17.14 -0.05
N SER C 168 -24.46 15.93 -0.60
CA SER C 168 -23.28 15.07 -0.70
C SER C 168 -23.16 14.47 -2.09
N LYS C 169 -21.97 14.60 -2.68
CA LYS C 169 -21.62 13.81 -3.86
C LYS C 169 -21.50 12.34 -3.48
N GLN C 170 -21.96 11.47 -4.36
CA GLN C 170 -21.82 10.04 -4.18
C GLN C 170 -20.61 9.54 -4.94
N SER C 171 -20.44 8.21 -5.00
CA SER C 171 -19.33 7.65 -5.77
C SER C 171 -19.58 7.70 -7.28
N ASN C 172 -20.80 8.00 -7.71
CA ASN C 172 -21.17 7.98 -9.13
C ASN C 172 -21.43 9.39 -9.68
N ASN C 173 -20.69 10.38 -9.19
CA ASN C 173 -20.64 11.73 -9.74
C ASN C 173 -21.97 12.48 -9.63
N LYS C 174 -22.91 12.00 -8.83
CA LYS C 174 -24.22 12.63 -8.72
C LYS C 174 -24.56 12.84 -7.25
N TYR C 175 -25.36 13.87 -6.99
CA TYR C 175 -25.51 14.44 -5.66
C TYR C 175 -26.80 14.02 -5.00
N ALA C 176 -26.78 13.97 -3.66
CA ALA C 176 -27.92 13.53 -2.89
C ALA C 176 -27.95 14.24 -1.54
N ALA C 177 -29.13 14.27 -0.94
CA ALA C 177 -29.35 14.96 0.33
C ALA C 177 -30.57 14.37 1.01
N SER C 178 -30.67 14.63 2.32
CA SER C 178 -31.68 14.04 3.19
C SER C 178 -32.39 15.11 4.00
N SER C 179 -33.65 14.85 4.33
CA SER C 179 -34.45 15.76 5.15
C SER C 179 -35.27 14.95 6.15
N TYR C 180 -35.12 15.27 7.44
CA TYR C 180 -35.74 14.52 8.51
C TYR C 180 -36.76 15.37 9.24
N LEU C 181 -37.94 14.83 9.47
CA LEU C 181 -38.99 15.50 10.24
C LEU C 181 -39.37 14.62 11.42
N SER C 182 -39.28 15.18 12.62
CA SER C 182 -39.70 14.50 13.84
C SER C 182 -40.90 15.21 14.42
N LEU C 183 -41.94 14.45 14.74
CA LEU C 183 -43.19 14.99 15.23
C LEU C 183 -43.66 14.22 16.46
N THR C 184 -44.40 14.91 17.32
CA THR C 184 -45.29 14.23 18.24
C THR C 184 -46.34 13.50 17.42
N PRO C 185 -46.56 12.19 17.64
CA PRO C 185 -47.48 11.44 16.77
C PRO C 185 -48.88 12.01 16.74
N GLU C 186 -49.26 12.84 17.72
CA GLU C 186 -50.54 13.53 17.66
C GLU C 186 -50.62 14.43 16.44
N GLN C 187 -49.54 15.16 16.14
CA GLN C 187 -49.48 15.99 14.95
C GLN C 187 -48.94 15.25 13.74
N TRP C 188 -48.76 13.94 13.82
CA TRP C 188 -48.58 13.14 12.63
C TRP C 188 -49.92 12.79 11.98
N LYS C 189 -50.94 12.54 12.80
CA LYS C 189 -52.28 12.25 12.31
C LYS C 189 -53.27 13.37 12.63
N SER C 190 -52.79 14.60 12.83
CA SER C 190 -53.65 15.76 12.97
C SER C 190 -53.80 16.53 11.66
N HIS C 191 -53.15 16.08 10.59
CA HIS C 191 -53.25 16.68 9.28
C HIS C 191 -53.52 15.59 8.25
N LYS C 192 -54.24 15.94 7.20
CA LYS C 192 -54.64 14.94 6.19
C LYS C 192 -53.42 14.31 5.53
N SER C 193 -52.60 15.11 4.85
CA SER C 193 -51.51 14.59 4.06
C SER C 193 -50.24 15.41 4.32
N TYR C 194 -49.10 14.78 4.09
CA TYR C 194 -47.80 15.43 4.18
C TYR C 194 -47.09 15.31 2.83
N SER C 195 -46.52 16.42 2.36
CA SER C 195 -45.89 16.47 1.05
C SER C 195 -44.49 17.04 1.15
N CYS C 196 -43.58 16.49 0.35
CA CYS C 196 -42.21 16.98 0.24
C CYS C 196 -42.01 17.57 -1.15
N GLN C 197 -41.34 18.73 -1.19
CA GLN C 197 -41.12 19.49 -2.41
C GLN C 197 -39.64 19.81 -2.52
N VAL C 198 -39.03 19.42 -3.64
CA VAL C 198 -37.62 19.66 -3.92
C VAL C 198 -37.54 20.70 -5.02
N THR C 199 -36.83 21.80 -4.73
CA THR C 199 -36.63 22.91 -5.67
C THR C 199 -35.19 22.87 -6.14
N HIS C 200 -35.01 22.82 -7.46
CA HIS C 200 -33.72 22.63 -8.10
C HIS C 200 -33.74 23.29 -9.47
N GLU C 201 -32.75 24.17 -9.72
CA GLU C 201 -32.62 24.92 -10.96
C GLU C 201 -33.85 25.76 -11.28
N GLY C 202 -34.76 25.93 -10.32
CA GLY C 202 -36.02 26.62 -10.52
C GLY C 202 -37.22 25.71 -10.48
N SER C 203 -37.08 24.47 -10.94
CA SER C 203 -38.19 23.52 -11.03
C SER C 203 -38.38 22.80 -9.70
N THR C 204 -39.42 21.96 -9.62
CA THR C 204 -39.80 21.31 -8.37
C THR C 204 -40.30 19.90 -8.65
N VAL C 205 -40.03 18.98 -7.72
CA VAL C 205 -40.58 17.64 -7.73
C VAL C 205 -41.23 17.37 -6.37
N GLU C 206 -42.40 16.74 -6.38
CA GLU C 206 -43.24 16.65 -5.19
C GLU C 206 -43.68 15.21 -4.93
N LYS C 207 -43.85 14.88 -3.65
CA LYS C 207 -44.36 13.58 -3.23
C LYS C 207 -45.29 13.77 -2.02
N THR C 208 -46.17 12.78 -1.80
CA THR C 208 -47.22 12.90 -0.79
C THR C 208 -47.43 11.56 -0.07
N VAL C 209 -47.82 11.65 1.21
CA VAL C 209 -48.20 10.49 2.01
C VAL C 209 -49.38 10.84 2.91
N VAL C 210 -50.13 9.82 3.30
CA VAL C 210 -51.26 9.95 4.21
C VAL C 210 -51.19 8.88 5.30
N PRO C 211 -51.74 9.12 6.49
CA PRO C 211 -51.76 8.10 7.54
C PRO C 211 -52.91 7.10 7.48
N THR C 212 -53.95 7.36 6.69
CA THR C 212 -55.12 6.47 6.64
C THR C 212 -54.81 5.12 6.02
N GLU C 213 -53.56 4.85 5.66
CA GLU C 213 -53.16 3.53 5.21
C GLU C 213 -53.20 2.55 6.38
N CYS C 214 -52.86 1.29 6.08
CA CYS C 214 -52.86 0.25 7.09
C CYS C 214 -51.76 0.52 8.11
N SER C 215 -52.15 0.89 9.32
CA SER C 215 -51.19 1.21 10.37
C SER C 215 -50.71 -0.04 11.10
#